data_7A08
#
_entry.id   7A08
#
_cell.length_a   1.00
_cell.length_b   1.00
_cell.length_c   1.00
_cell.angle_alpha   90.00
_cell.angle_beta   90.00
_cell.angle_gamma   90.00
#
_symmetry.space_group_name_H-M   'P 1'
#
loop_
_entity.id
_entity.type
_entity.pdbx_description
1 polymer 'Cyclic GMP-AMP synthase'
2 polymer 'Nucleosomal DNA strand 1'
3 polymer 'Nucleosomal DNA strand 2'
4 polymer 'Histone H2A type 1-C'
5 polymer 'Histone H2B type 1-C/E/F/G/I'
6 polymer 'Histone H3.3'
7 polymer 'Histone H4'
8 non-polymer 'ZINC ION'
#
loop_
_entity_poly.entity_id
_entity_poly.type
_entity_poly.pdbx_seq_one_letter_code
_entity_poly.pdbx_strand_id
1 'polypeptide(L)'
;GAMRGSRKEPDKLKKVLDKLRLKRKDISEAAETVNKVVERLLRRMQKRESEFKGVEQLNTGSYYEHVKISAPNEFDVMFK
LEVPRIELQEYYETGAFYLVKFKRIPRGNPLSHFLEGEVLSATKMLSKFRKIIKEEVKEIKDIDVSVEKEKPGSPAVTLL
IRNPEEISVDIILALESKGSWPISTKEGLPIQGWLGTKVRTNLRREPFYLVPKNAKDGNSFQGETWRLSFSHTEKYILNN
HGIEKTCCESSGAKCCRKECLKLMKYLLEQLKKEFQELDAFCSYHVKTAIFHMWTQDPQDSQWDPRNLSSCFDKLLAFFL
ECLRTEKLDHYFIPKFNLFSQELIDRKSKEFLSKKIEYERNNGFPIFDKL
;
a
2 'polydeoxyribonucleotide'
;(DC)(DT)(DG)(DG)(DA)(DG)(DA)(DA)(DT)(DC)(DC)(DC)(DG)(DG)(DT)(DG)(DC)(DC)(DG)(DA)
(DG)(DG)(DC)(DC)(DG)(DC)(DT)(DC)(DA)(DA)(DT)(DT)(DG)(DG)(DT)(DC)(DG)(DT)(DA)(DG)
(DC)(DA)(DA)(DG)(DC)(DT)(DC)(DT)(DA)(DG)(DC)(DA)(DC)(DC)(DG)(DC)(DT)(DT)(DA)(DA)
(DA)(DC)(DG)(DC)(DA)(DC)(DG)(DT)(DA)(DC)(DG)(DC)(DG)(DC)(DT)(DG)(DT)(DC)(DC)(DC)
(DC)(DC)(DG)(DC)(DG)(DT)(DT)(DT)(DT)(DA)(DA)(DC)(DC)(DG)(DC)(DC)(DA)(DA)(DG)(DG)
(DG)(DG)(DA)(DT)(DT)(DA)(DC)(DT)(DC)(DC)(DC)(DT)(DA)(DG)(DT)(DC)(DT)(DC)(DC)(DA)
(DG)(DG)(DC)(DA)(DC)(DG)(DT)(DG)(DT)(DC)(DA)(DG)(DA)(DT)(DA)(DT)(DA)(DT)(DA)(DC)
(DA)(DT)(DC)(DC)(DT)(DG)(DT)
;
I
3 'polydeoxyribonucleotide'
;(DA)(DC)(DA)(DG)(DG)(DA)(DT)(DG)(DT)(DA)(DT)(DA)(DT)(DA)(DT)(DC)(DT)(DG)(DA)(DC)
(DA)(DC)(DG)(DT)(DG)(DC)(DC)(DT)(DG)(DG)(DA)(DG)(DA)(DC)(DT)(DA)(DG)(DG)(DG)(DA)
(DG)(DT)(DA)(DA)(DT)(DC)(DC)(DC)(DC)(DT)(DT)(DG)(DG)(DC)(DG)(DG)(DT)(DT)(DA)(DA)
(DA)(DA)(DC)(DG)(DC)(DG)(DG)(DG)(DG)(DG)(DA)(DC)(DA)(DG)(DC)(DG)(DC)(DG)(DT)(DA)
(DC)(DG)(DT)(DG)(DC)(DG)(DT)(DT)(DT)(DA)(DA)(DG)(DC)(DG)(DG)(DT)(DG)(DC)(DT)(DA)
(DG)(DA)(DG)(DC)(DT)(DT)(DG)(DC)(DT)(DA)(DC)(DG)(DA)(DC)(DC)(DA)(DA)(DT)(DT)(DG)
(DA)(DG)(DC)(DG)(DG)(DC)(DC)(DT)(DC)(DG)(DG)(DC)(DA)(DC)(DC)(DG)(DG)(DG)(DA)(DT)
(DT)(DC)(DT)(DC)(DC)(DA)(DG)
;
J
4 'polypeptide(L)'
;SGRGKQGGKARAKAKSRSSRAGLQFPVGRVHRLLRKGNYAERVGAGAPVYLAAVLEYLTAEILELAGNAARDNKKTRIIP
RHLQLAIRNDEELNKLLGRVTIAQGGVLPNIQAVLLPKKTESHHKAKGK
;
b,f
5 'polypeptide(L)'
;PEPAKSAPAPKKGSKKAVTKAQKKDGKKRKRSRKESYSVYVYKVLKQVHPDTGISSKAMGIMNSFVNDIFERIAGEASRL
AHYNKRSTITSREIQTAVRLLLPGELAKHAVSEGTKAVTKYTSSK
;
c,g
6 'polypeptide(L)'
;ARTKQTARKSTGGKAPRKQLATKAARKSAPSTGGVKKPHRYRPGTVALREIRRYQKSTELLIRKLPFQRLVREIAQDFKT
DLRFQSAAIGALQEASEAYLVGLFEDTNLCAIHAKRVTIMPKDIQLARRIRGERA
;
d,h
7 'polypeptide(L)'
;SGRGKGGKGLGKGGAKRHRKVLRDNIQGITKPAIRRLARRGGVKRISGLIYEETRGVLKVFLENVIRDAVTYTEHAKRKT
VTAMDVVYALKRQGRTLYGFGG
;
e,i
#
loop_
_chem_comp.id
_chem_comp.type
_chem_comp.name
_chem_comp.formula
DA DNA linking 2'-DEOXYADENOSINE-5'-MONOPHOSPHATE 'C10 H14 N5 O6 P'
DC DNA linking 2'-DEOXYCYTIDINE-5'-MONOPHOSPHATE 'C9 H14 N3 O7 P'
DG DNA linking 2'-DEOXYGUANOSINE-5'-MONOPHOSPHATE 'C10 H14 N5 O7 P'
DT DNA linking THYMIDINE-5'-MONOPHOSPHATE 'C10 H15 N2 O8 P'
ZN non-polymer 'ZINC ION' 'Zn 2'
#
# COMPACT_ATOMS: atom_id res chain seq x y z
N ASP A 11 38.77 -12.95 47.94
CA ASP A 11 38.44 -12.52 49.30
C ASP A 11 36.93 -12.63 49.51
N LYS A 12 36.35 -11.66 50.23
CA LYS A 12 34.91 -11.68 50.46
C LYS A 12 34.14 -11.77 49.15
N LEU A 13 34.68 -11.16 48.09
CA LEU A 13 33.98 -11.08 46.83
C LEU A 13 33.97 -12.44 46.13
N LYS A 14 35.11 -13.14 46.12
CA LYS A 14 35.14 -14.48 45.55
C LYS A 14 34.23 -15.42 46.32
N LYS A 15 34.21 -15.31 47.65
CA LYS A 15 33.31 -16.14 48.44
C LYS A 15 31.86 -15.84 48.11
N VAL A 16 31.50 -14.57 47.98
CA VAL A 16 30.11 -14.24 47.68
C VAL A 16 29.77 -14.76 46.29
N LEU A 17 30.73 -14.74 45.37
CA LEU A 17 30.50 -15.30 44.04
C LEU A 17 30.26 -16.81 44.11
N ASP A 18 31.01 -17.52 44.95
CA ASP A 18 30.74 -18.94 45.13
C ASP A 18 29.36 -19.17 45.74
N LYS A 19 28.95 -18.28 46.64
CA LYS A 19 27.60 -18.37 47.19
C LYS A 19 26.55 -18.10 46.12
N LEU A 20 26.86 -17.22 45.16
CA LEU A 20 25.98 -17.06 44.01
C LEU A 20 25.92 -18.33 43.18
N ARG A 21 27.03 -19.05 43.08
CA ARG A 21 26.99 -20.36 42.42
C ARG A 21 26.08 -21.32 43.18
N LEU A 22 26.08 -21.24 44.50
CA LEU A 22 25.15 -22.04 45.29
C LEU A 22 23.70 -21.64 44.98
N LYS A 23 23.46 -20.34 44.82
CA LYS A 23 22.14 -19.89 44.38
C LYS A 23 21.80 -20.45 43.01
N ARG A 24 22.81 -20.62 42.15
CA ARG A 24 22.58 -21.30 40.88
C ARG A 24 22.15 -22.74 41.11
N LYS A 25 22.74 -23.40 42.11
CA LYS A 25 22.30 -24.75 42.45
C LYS A 25 20.84 -24.77 42.86
N ASP A 26 20.42 -23.80 43.68
CA ASP A 26 19.01 -23.71 44.06
C ASP A 26 18.14 -23.43 42.83
N ILE A 27 18.63 -22.59 41.92
CA ILE A 27 17.91 -22.32 40.68
C ILE A 27 17.73 -23.61 39.89
N SER A 28 18.74 -24.48 39.90
CA SER A 28 18.60 -25.79 39.28
C SER A 28 17.51 -26.61 39.97
N GLU A 29 17.50 -26.59 41.30
CA GLU A 29 16.46 -27.30 42.05
C GLU A 29 15.07 -26.85 41.61
N ALA A 30 14.89 -25.55 41.39
CA ALA A 30 13.60 -25.06 40.92
C ALA A 30 13.37 -25.40 39.45
N ALA A 31 14.40 -25.27 38.62
CA ALA A 31 14.30 -25.58 37.21
C ALA A 31 13.78 -27.00 37.02
N GLU A 32 14.19 -27.90 37.90
CA GLU A 32 13.78 -29.30 37.79
C GLU A 32 12.28 -29.43 37.62
N THR A 33 11.51 -28.64 38.37
CA THR A 33 10.05 -28.74 38.25
C THR A 33 9.51 -27.77 37.20
N VAL A 34 10.04 -26.55 37.15
CA VAL A 34 9.40 -25.56 36.29
C VAL A 34 9.62 -25.88 34.81
N ASN A 35 10.84 -26.29 34.43
CA ASN A 35 11.08 -26.63 33.04
C ASN A 35 10.23 -27.82 32.63
N LYS A 36 10.11 -28.81 33.52
CA LYS A 36 9.27 -29.97 33.23
C LYS A 36 7.82 -29.54 33.02
N VAL A 37 7.34 -28.62 33.86
CA VAL A 37 5.96 -28.15 33.73
C VAL A 37 5.76 -27.47 32.38
N VAL A 38 6.64 -26.51 32.06
CA VAL A 38 6.41 -25.69 30.88
C VAL A 38 6.58 -26.51 29.60
N GLU A 39 7.58 -27.38 29.54
CA GLU A 39 7.82 -28.12 28.31
C GLU A 39 6.61 -28.96 27.89
N ARG A 40 5.72 -29.28 28.82
CA ARG A 40 4.51 -30.03 28.52
C ARG A 40 3.24 -29.19 28.61
N LEU A 41 3.32 -27.99 29.20
CA LEU A 41 2.18 -27.09 29.27
C LEU A 41 2.06 -26.22 28.03
N LEU A 42 3.19 -25.71 27.53
CA LEU A 42 3.17 -24.83 26.38
C LEU A 42 2.65 -25.53 25.13
N ARG A 43 2.70 -26.86 25.08
CA ARG A 43 2.35 -27.60 23.88
C ARG A 43 0.86 -27.54 23.56
N ARG A 44 0.00 -27.46 24.58
CA ARG A 44 -1.43 -27.32 24.34
C ARG A 44 -1.80 -25.95 23.79
N MET A 45 -0.97 -24.93 23.99
CA MET A 45 -1.35 -23.58 23.62
C MET A 45 -1.48 -23.43 22.11
N GLN A 46 -0.58 -24.06 21.34
CA GLN A 46 -0.55 -23.83 19.90
C GLN A 46 -1.81 -24.35 19.22
N LYS A 47 -2.24 -25.55 19.58
CA LYS A 47 -3.38 -26.17 18.92
C LYS A 47 -4.73 -25.84 19.56
N ARG A 48 -4.74 -25.03 20.62
CA ARG A 48 -6.00 -24.72 21.30
C ARG A 48 -6.95 -23.95 20.40
N GLU A 49 -6.46 -23.37 19.30
CA GLU A 49 -7.28 -22.61 18.36
C GLU A 49 -8.00 -21.46 19.07
N SER A 50 -7.19 -20.52 19.54
CA SER A 50 -7.69 -19.30 20.14
C SER A 50 -6.79 -18.16 19.66
N GLU A 51 -6.91 -17.00 20.31
CA GLU A 51 -6.03 -15.88 19.98
C GLU A 51 -4.62 -16.09 20.55
N PHE A 52 -4.51 -16.75 21.70
CA PHE A 52 -3.22 -17.05 22.29
C PHE A 52 -2.53 -18.23 21.64
N LYS A 53 -3.10 -18.80 20.58
CA LYS A 53 -2.41 -19.87 19.86
C LYS A 53 -1.15 -19.32 19.21
N GLY A 54 -0.12 -20.15 19.18
CA GLY A 54 1.16 -19.71 18.64
C GLY A 54 2.00 -18.91 19.62
N VAL A 55 1.54 -18.73 20.85
CA VAL A 55 2.34 -18.07 21.87
C VAL A 55 3.48 -18.99 22.26
N GLU A 56 4.71 -18.51 22.11
CA GLU A 56 5.90 -19.30 22.40
C GLU A 56 6.77 -18.56 23.42
N GLN A 57 7.31 -19.31 24.36
CA GLN A 57 8.24 -18.74 25.33
C GLN A 57 9.50 -18.25 24.61
N LEU A 58 10.02 -17.12 25.05
CA LEU A 58 11.22 -16.54 24.48
C LEU A 58 12.41 -16.83 25.40
N ASN A 59 13.50 -17.31 24.83
CA ASN A 59 14.68 -17.67 25.59
C ASN A 59 15.35 -16.39 26.05
N THR A 60 14.80 -15.81 27.11
CA THR A 60 15.28 -14.54 27.65
C THR A 60 15.32 -14.69 29.18
N GLY A 61 15.63 -13.60 29.87
CA GLY A 61 15.72 -13.70 31.30
C GLY A 61 16.95 -14.48 31.71
N SER A 62 16.86 -15.08 32.91
CA SER A 62 18.01 -15.78 33.46
C SER A 62 18.44 -16.94 32.57
N TYR A 63 17.48 -17.72 32.06
CA TYR A 63 17.79 -18.95 31.35
C TYR A 63 18.64 -19.85 32.23
N TYR A 64 18.13 -20.11 33.43
CA TYR A 64 18.75 -20.88 34.52
C TYR A 64 19.83 -20.07 35.26
N GLU A 65 20.20 -18.89 34.78
CA GLU A 65 21.28 -18.13 35.39
C GLU A 65 20.75 -17.36 36.60
N HIS A 66 21.55 -16.42 37.10
CA HIS A 66 21.19 -15.59 38.24
C HIS A 66 20.62 -14.24 37.79
N VAL A 67 20.41 -14.05 36.49
CA VAL A 67 20.01 -12.73 35.98
C VAL A 67 18.57 -12.42 36.37
N LYS A 68 17.79 -13.44 36.74
CA LYS A 68 16.38 -13.21 37.04
C LYS A 68 16.21 -12.26 38.22
N ILE A 69 16.99 -12.45 39.28
CA ILE A 69 16.91 -11.61 40.47
C ILE A 69 15.56 -11.77 41.17
N SER A 70 15.09 -13.01 41.25
CA SER A 70 13.81 -13.32 41.89
C SER A 70 14.07 -14.07 43.20
N ALA A 71 12.99 -14.40 43.92
CA ALA A 71 13.12 -15.05 45.22
C ALA A 71 13.66 -16.46 45.06
N PRO A 72 14.27 -17.01 46.10
CA PRO A 72 14.85 -18.37 45.99
C PRO A 72 13.84 -19.45 45.65
N ASN A 73 12.60 -19.34 46.14
CA ASN A 73 11.56 -20.32 45.85
C ASN A 73 10.56 -19.82 44.82
N GLU A 74 10.92 -18.76 44.10
CA GLU A 74 10.06 -18.17 43.08
C GLU A 74 10.78 -18.14 41.76
N PHE A 75 10.03 -18.18 40.67
CA PHE A 75 10.57 -18.14 39.32
C PHE A 75 9.70 -17.24 38.47
N ASP A 76 10.22 -16.84 37.32
CA ASP A 76 9.48 -16.01 36.38
C ASP A 76 9.92 -16.36 34.97
N VAL A 77 8.96 -16.35 34.05
CA VAL A 77 9.23 -16.56 32.62
C VAL A 77 8.16 -15.80 31.85
N MET A 78 8.42 -15.59 30.56
CA MET A 78 7.62 -14.68 29.74
C MET A 78 7.21 -15.38 28.46
N PHE A 79 5.96 -15.19 28.05
CA PHE A 79 5.40 -15.82 26.85
C PHE A 79 5.18 -14.73 25.80
N LYS A 80 6.00 -14.76 24.75
CA LYS A 80 5.97 -13.72 23.73
C LYS A 80 4.90 -14.05 22.70
N LEU A 81 3.86 -13.22 22.66
CA LEU A 81 2.82 -13.34 21.64
C LEU A 81 3.04 -12.29 20.58
N GLU A 82 3.17 -12.71 19.33
CA GLU A 82 3.39 -11.75 18.27
C GLU A 82 2.09 -10.98 18.00
N VAL A 83 2.24 -9.85 17.31
CA VAL A 83 1.11 -8.97 17.05
C VAL A 83 1.26 -8.38 15.64
N PRO A 84 0.15 -8.06 14.95
CA PRO A 84 0.29 -7.35 13.68
C PRO A 84 0.29 -5.84 13.85
N ARG A 85 1.39 -5.18 13.49
CA ARG A 85 1.45 -3.73 13.36
C ARG A 85 1.04 -3.02 14.64
N ILE A 86 1.81 -3.27 15.71
CA ILE A 86 1.65 -2.50 16.94
C ILE A 86 2.05 -1.06 16.69
N GLU A 87 1.18 -0.12 17.09
CA GLU A 87 1.51 1.29 17.13
C GLU A 87 1.63 1.71 18.59
N LEU A 88 2.69 2.43 18.91
CA LEU A 88 2.95 2.84 20.29
C LEU A 88 2.60 4.31 20.46
N GLN A 89 1.94 4.63 21.59
CA GLN A 89 1.67 6.01 21.94
C GLN A 89 1.97 6.19 23.42
N GLU A 90 2.79 7.17 23.75
CA GLU A 90 3.14 7.45 25.14
C GLU A 90 2.21 8.53 25.68
N TYR A 91 1.52 8.23 26.77
CA TYR A 91 0.48 9.11 27.30
C TYR A 91 1.02 9.80 28.54
N TYR A 92 0.99 11.13 28.53
CA TYR A 92 1.28 11.93 29.72
C TYR A 92 2.52 11.45 30.46
N GLU A 93 3.43 10.78 29.75
CA GLU A 93 4.63 10.20 30.32
C GLU A 93 5.79 10.48 29.39
N THR A 94 6.99 10.03 29.79
CA THR A 94 8.21 10.19 29.00
C THR A 94 8.81 8.79 28.81
N GLY A 95 8.30 8.07 27.82
CA GLY A 95 8.83 6.78 27.44
C GLY A 95 8.70 5.69 28.47
N ALA A 96 8.31 6.01 29.70
CA ALA A 96 8.21 4.99 30.74
C ALA A 96 6.98 4.12 30.60
N PHE A 97 5.94 4.61 29.92
CA PHE A 97 4.70 3.85 29.77
C PHE A 97 4.13 4.12 28.40
N TYR A 98 3.65 3.06 27.75
CA TYR A 98 3.16 3.12 26.39
C TYR A 98 1.81 2.43 26.33
N LEU A 99 0.95 2.90 25.44
CA LEU A 99 -0.32 2.25 25.17
C LEU A 99 -0.39 1.91 23.68
N VAL A 100 -0.92 0.74 23.39
CA VAL A 100 -0.86 0.12 22.07
C VAL A 100 -2.12 0.46 21.29
N LYS A 101 -1.94 0.64 19.98
CA LYS A 101 -3.04 0.70 19.05
C LYS A 101 -2.63 -0.11 17.82
N PHE A 102 -3.44 -0.09 16.77
CA PHE A 102 -3.17 -0.92 15.60
C PHE A 102 -3.22 -0.07 14.35
N LYS A 103 -2.39 -0.42 13.38
CA LYS A 103 -2.45 0.18 12.06
C LYS A 103 -3.29 -0.71 11.14
N ARG A 104 -3.58 -0.18 9.96
CA ARG A 104 -4.40 -0.91 8.99
C ARG A 104 -3.86 -2.32 8.81
N ILE A 105 -4.75 -3.30 8.89
CA ILE A 105 -4.39 -4.71 8.74
C ILE A 105 -5.39 -5.32 7.76
N PRO A 106 -4.95 -5.81 6.59
CA PRO A 106 -5.92 -6.14 5.53
C PRO A 106 -6.99 -7.14 5.96
N ARG A 107 -6.63 -8.17 6.71
CA ARG A 107 -7.57 -9.24 7.06
C ARG A 107 -8.07 -9.12 8.49
N GLY A 108 -8.27 -7.88 8.96
CA GLY A 108 -8.74 -7.66 10.31
C GLY A 108 -7.74 -8.13 11.33
N ASN A 109 -7.85 -7.64 12.55
CA ASN A 109 -6.91 -8.06 13.57
C ASN A 109 -7.29 -9.44 14.08
N PRO A 110 -6.30 -10.31 14.34
CA PRO A 110 -6.60 -11.50 15.15
C PRO A 110 -7.05 -11.15 16.55
N LEU A 111 -6.71 -9.96 17.02
CA LEU A 111 -7.07 -9.45 18.34
C LEU A 111 -8.09 -8.32 18.22
N SER A 112 -9.00 -8.42 17.26
CA SER A 112 -9.99 -7.37 17.07
C SER A 112 -11.08 -7.39 18.12
N HIS A 113 -11.01 -8.29 19.11
CA HIS A 113 -12.00 -8.36 20.17
C HIS A 113 -11.36 -8.28 21.55
N PHE A 114 -10.14 -7.77 21.66
CA PHE A 114 -9.55 -7.40 22.94
C PHE A 114 -9.45 -5.89 23.09
N LEU A 115 -10.00 -5.13 22.15
CA LEU A 115 -9.87 -3.68 22.16
C LEU A 115 -10.73 -3.06 23.26
N GLU A 116 -10.46 -1.80 23.54
CA GLU A 116 -11.27 -0.93 24.38
C GLU A 116 -11.56 0.36 23.64
N GLY A 117 -12.00 0.24 22.39
CA GLY A 117 -12.11 1.36 21.50
C GLY A 117 -11.02 1.31 20.45
N GLU A 118 -9.99 2.13 20.62
CA GLU A 118 -8.78 2.04 19.81
C GLU A 118 -7.61 1.42 20.55
N VAL A 119 -7.55 1.60 21.88
CA VAL A 119 -6.45 1.04 22.65
C VAL A 119 -6.69 -0.43 22.90
N LEU A 120 -5.61 -1.21 22.94
CA LEU A 120 -5.64 -2.60 23.33
C LEU A 120 -5.16 -2.72 24.78
N SER A 121 -6.05 -3.19 25.65
CA SER A 121 -5.82 -3.14 27.09
C SER A 121 -5.29 -4.46 27.63
N ALA A 122 -4.51 -4.37 28.70
CA ALA A 122 -3.95 -5.53 29.36
C ALA A 122 -4.97 -6.30 30.18
N THR A 123 -6.06 -5.65 30.61
CA THR A 123 -7.05 -6.32 31.42
C THR A 123 -7.73 -7.46 30.67
N LYS A 124 -8.27 -7.18 29.48
CA LYS A 124 -8.98 -8.22 28.72
C LYS A 124 -8.02 -9.32 28.30
N MET A 125 -6.85 -8.95 27.81
CA MET A 125 -5.88 -9.95 27.37
C MET A 125 -5.45 -10.84 28.52
N LEU A 126 -5.19 -10.25 29.69
CA LEU A 126 -4.73 -11.06 30.81
C LEU A 126 -5.86 -11.91 31.38
N SER A 127 -7.09 -11.41 31.35
CA SER A 127 -8.22 -12.23 31.78
C SER A 127 -8.36 -13.45 30.89
N LYS A 128 -8.34 -13.25 29.56
CA LYS A 128 -8.43 -14.37 28.65
C LYS A 128 -7.23 -15.31 28.83
N PHE A 129 -6.05 -14.75 29.05
CA PHE A 129 -4.85 -15.55 29.24
C PHE A 129 -5.00 -16.45 30.46
N ARG A 130 -5.47 -15.89 31.58
CA ARG A 130 -5.62 -16.67 32.79
C ARG A 130 -6.71 -17.72 32.64
N LYS A 131 -7.79 -17.37 31.93
CA LYS A 131 -8.82 -18.36 31.65
C LYS A 131 -8.23 -19.56 30.91
N ILE A 132 -7.48 -19.29 29.84
CA ILE A 132 -6.91 -20.39 29.06
C ILE A 132 -5.92 -21.18 29.89
N ILE A 133 -5.10 -20.49 30.69
CA ILE A 133 -4.10 -21.17 31.51
C ILE A 133 -4.77 -22.07 32.55
N LYS A 134 -5.84 -21.58 33.17
CA LYS A 134 -6.55 -22.40 34.15
C LYS A 134 -7.16 -23.62 33.46
N GLU A 135 -7.72 -23.43 32.25
CA GLU A 135 -8.23 -24.56 31.51
C GLU A 135 -7.14 -25.61 31.29
N GLU A 136 -5.97 -25.18 30.85
CA GLU A 136 -4.89 -26.13 30.58
C GLU A 136 -4.42 -26.83 31.85
N VAL A 137 -4.22 -26.08 32.94
CA VAL A 137 -3.71 -26.72 34.14
C VAL A 137 -4.73 -27.73 34.67
N LYS A 138 -6.02 -27.43 34.55
CA LYS A 138 -7.03 -28.43 34.89
C LYS A 138 -7.05 -29.56 33.87
N GLU A 139 -6.50 -29.33 32.67
CA GLU A 139 -6.52 -30.36 31.63
C GLU A 139 -5.55 -31.47 31.95
N ILE A 140 -4.26 -31.16 31.99
CA ILE A 140 -3.23 -32.18 32.14
C ILE A 140 -3.20 -32.68 33.58
N LYS A 141 -3.08 -33.99 33.74
CA LYS A 141 -3.01 -34.64 35.04
C LYS A 141 -1.63 -35.20 35.36
N ASP A 142 -0.83 -35.56 34.35
CA ASP A 142 0.49 -36.10 34.62
C ASP A 142 1.36 -35.10 35.36
N ILE A 143 1.41 -33.86 34.88
CA ILE A 143 2.14 -32.80 35.55
C ILE A 143 1.21 -32.15 36.56
N ASP A 144 1.63 -32.11 37.82
CA ASP A 144 0.80 -31.60 38.91
C ASP A 144 0.88 -30.08 38.90
N VAL A 145 -0.11 -29.45 38.28
CA VAL A 145 -0.11 -28.01 38.05
C VAL A 145 -1.42 -27.43 38.56
N SER A 146 -1.37 -26.15 38.96
CA SER A 146 -2.52 -25.42 39.46
C SER A 146 -2.43 -23.97 39.00
N VAL A 147 -3.41 -23.17 39.39
CA VAL A 147 -3.40 -21.72 39.18
C VAL A 147 -3.96 -21.08 40.43
N GLU A 148 -3.10 -20.43 41.21
CA GLU A 148 -3.56 -19.77 42.42
C GLU A 148 -4.45 -18.59 42.06
N LYS A 149 -5.25 -18.17 43.04
CA LYS A 149 -6.20 -17.08 42.81
C LYS A 149 -5.46 -15.82 42.37
N GLU A 150 -6.21 -14.91 41.75
CA GLU A 150 -5.65 -13.70 41.18
C GLU A 150 -5.84 -12.52 42.14
N LYS A 151 -4.92 -11.57 42.05
CA LYS A 151 -5.00 -10.29 42.73
C LYS A 151 -4.98 -9.16 41.71
N PRO A 152 -5.55 -8.00 42.03
CA PRO A 152 -5.61 -6.90 41.06
C PRO A 152 -4.38 -6.02 41.00
N GLY A 153 -3.30 -6.36 41.71
CA GLY A 153 -2.13 -5.50 41.77
C GLY A 153 -1.00 -5.92 40.84
N SER A 154 -1.20 -7.00 40.08
CA SER A 154 -0.17 -7.48 39.19
C SER A 154 -0.81 -8.22 38.02
N PRO A 155 -0.42 -7.95 36.78
CA PRO A 155 -0.91 -8.75 35.66
C PRO A 155 -0.22 -10.10 35.50
N ALA A 156 0.53 -10.57 36.49
CA ALA A 156 1.16 -11.88 36.42
C ALA A 156 0.13 -12.96 36.73
N VAL A 157 -0.05 -13.89 35.80
CA VAL A 157 -1.00 -15.00 36.01
C VAL A 157 -0.22 -16.12 36.68
N THR A 158 -0.07 -16.00 37.99
CA THR A 158 0.73 -16.95 38.76
C THR A 158 0.10 -18.33 38.72
N LEU A 159 0.95 -19.36 38.74
CA LEU A 159 0.50 -20.75 38.72
C LEU A 159 1.33 -21.52 39.74
N LEU A 160 0.81 -21.61 40.96
CA LEU A 160 1.51 -22.31 42.03
C LEU A 160 1.60 -23.80 41.71
N ILE A 161 2.79 -24.38 41.89
CA ILE A 161 3.04 -25.77 41.56
C ILE A 161 3.13 -26.58 42.84
N ARG A 162 2.28 -27.60 42.95
CA ARG A 162 2.37 -28.56 44.04
C ARG A 162 3.57 -29.47 43.81
N ASN A 163 4.23 -29.84 44.90
CA ASN A 163 5.45 -30.63 44.84
C ASN A 163 5.72 -30.98 46.31
N PRO A 164 6.66 -31.87 46.66
CA PRO A 164 6.87 -32.17 48.08
C PRO A 164 7.09 -30.91 48.89
N GLU A 165 7.84 -29.97 48.32
CA GLU A 165 7.98 -28.63 48.87
C GLU A 165 7.37 -27.62 47.89
N GLU A 166 6.65 -26.65 48.45
CA GLU A 166 5.90 -25.71 47.63
C GLU A 166 6.83 -24.95 46.68
N ILE A 167 6.34 -24.75 45.46
CA ILE A 167 7.00 -23.92 44.46
C ILE A 167 5.93 -23.17 43.70
N SER A 168 6.29 -21.99 43.18
CA SER A 168 5.36 -21.21 42.38
C SER A 168 6.12 -20.61 41.20
N VAL A 169 5.36 -20.31 40.15
CA VAL A 169 5.89 -19.65 38.97
C VAL A 169 4.84 -18.65 38.50
N ASP A 170 5.25 -17.75 37.60
CA ASP A 170 4.34 -16.82 36.98
C ASP A 170 4.77 -16.58 35.54
N ILE A 171 3.80 -16.47 34.64
CA ILE A 171 4.05 -16.28 33.22
C ILE A 171 3.44 -14.95 32.81
N ILE A 172 4.26 -14.08 32.25
CA ILE A 172 3.84 -12.73 31.90
C ILE A 172 3.65 -12.64 30.39
N LEU A 173 2.45 -12.24 29.98
CA LEU A 173 2.24 -11.95 28.57
C LEU A 173 3.15 -10.80 28.15
N ALA A 174 3.61 -10.87 26.91
CA ALA A 174 4.48 -9.82 26.38
C ALA A 174 4.33 -9.78 24.87
N LEU A 175 3.69 -8.75 24.35
CA LEU A 175 3.58 -8.65 22.90
C LEU A 175 4.96 -8.54 22.29
N GLU A 176 5.05 -9.05 21.06
CA GLU A 176 6.27 -9.02 20.32
C GLU A 176 6.06 -8.25 19.04
N SER A 177 6.94 -7.29 18.77
CA SER A 177 6.81 -6.50 17.56
C SER A 177 8.11 -6.58 16.79
N LYS A 178 7.99 -6.87 15.49
CA LYS A 178 9.12 -7.08 14.59
C LYS A 178 9.56 -5.79 13.92
N GLY A 179 8.80 -4.71 14.06
CA GLY A 179 9.13 -3.45 13.43
C GLY A 179 10.27 -2.74 14.12
N SER A 180 10.50 -1.50 13.71
CA SER A 180 11.59 -0.73 14.26
C SER A 180 11.41 -0.51 15.76
N TRP A 181 12.49 -0.12 16.42
CA TRP A 181 12.42 0.19 17.84
C TRP A 181 11.72 1.54 18.03
N PRO A 182 11.26 1.82 19.24
CA PRO A 182 10.58 3.09 19.49
C PRO A 182 11.53 4.27 19.39
N ILE A 183 10.95 5.44 19.12
CA ILE A 183 11.71 6.66 18.85
C ILE A 183 12.34 7.17 20.14
N SER A 184 11.96 6.60 21.27
CA SER A 184 12.52 6.98 22.56
C SER A 184 13.84 6.30 22.86
N THR A 185 14.30 5.40 21.99
CA THR A 185 15.54 4.67 22.18
C THR A 185 16.60 5.02 21.16
N LYS A 186 16.33 5.96 20.27
CA LYS A 186 17.27 6.25 19.19
C LYS A 186 18.66 6.56 19.73
N GLU A 187 18.74 7.44 20.73
CA GLU A 187 20.00 7.82 21.32
C GLU A 187 20.42 6.90 22.46
N GLY A 188 19.86 5.69 22.53
CA GLY A 188 20.16 4.74 23.59
C GLY A 188 21.06 3.61 23.12
N LEU A 189 21.30 2.69 24.04
CA LEU A 189 22.20 1.57 23.83
C LEU A 189 23.56 2.02 23.30
N PRO A 190 24.26 2.91 24.01
CA PRO A 190 25.57 3.38 23.49
C PRO A 190 26.71 2.40 23.77
N ILE A 191 26.84 1.41 22.90
CA ILE A 191 27.91 0.42 23.01
C ILE A 191 28.92 0.56 21.87
N GLN A 192 28.98 1.74 21.25
CA GLN A 192 29.76 1.91 20.02
C GLN A 192 31.23 1.64 20.27
N GLY A 193 31.87 2.47 21.10
CA GLY A 193 33.27 2.27 21.40
C GLY A 193 33.55 0.96 22.12
N TRP A 194 32.50 0.31 22.63
CA TRP A 194 32.64 -0.87 23.47
C TRP A 194 32.37 -2.16 22.68
N LEU A 195 31.19 -2.32 22.11
CA LEU A 195 30.92 -3.46 21.24
C LEU A 195 31.03 -3.13 19.77
N GLY A 196 30.97 -1.86 19.41
CA GLY A 196 31.07 -1.49 18.01
C GLY A 196 29.72 -1.15 17.43
N THR A 197 29.73 -0.26 16.43
CA THR A 197 28.49 0.13 15.78
C THR A 197 27.87 -1.04 15.02
N LYS A 198 28.69 -2.01 14.59
CA LYS A 198 28.15 -3.18 13.92
C LYS A 198 27.23 -3.95 14.86
N VAL A 199 27.70 -4.19 16.08
CA VAL A 199 26.89 -4.94 17.05
C VAL A 199 25.59 -4.21 17.33
N ARG A 200 25.66 -2.90 17.55
CA ARG A 200 24.45 -2.13 17.79
C ARG A 200 23.49 -2.25 16.63
N THR A 201 23.91 -1.80 15.44
CA THR A 201 23.00 -1.78 14.29
C THR A 201 22.50 -3.17 13.92
N ASN A 202 23.18 -4.24 14.34
CA ASN A 202 22.66 -5.58 14.19
C ASN A 202 21.87 -6.05 15.40
N LEU A 203 21.82 -5.24 16.47
CA LEU A 203 20.99 -5.52 17.63
C LEU A 203 19.68 -4.75 17.61
N ARG A 204 19.65 -3.55 17.05
CA ARG A 204 18.44 -2.79 16.89
C ARG A 204 17.64 -3.22 15.68
N ARG A 205 17.91 -4.43 15.17
CA ARG A 205 17.06 -5.07 14.18
C ARG A 205 16.18 -6.16 14.77
N GLU A 206 16.53 -6.69 15.93
CA GLU A 206 15.74 -7.69 16.63
C GLU A 206 14.34 -7.14 16.91
N PRO A 207 13.41 -7.97 17.38
CA PRO A 207 12.12 -7.45 17.81
C PRO A 207 12.20 -6.85 19.21
N PHE A 208 11.14 -6.16 19.61
CA PHE A 208 11.04 -5.62 20.95
C PHE A 208 9.72 -6.07 21.58
N TYR A 209 9.68 -6.11 22.91
CA TYR A 209 8.52 -6.63 23.60
C TYR A 209 7.81 -5.52 24.34
N LEU A 210 6.51 -5.72 24.57
CA LEU A 210 5.71 -4.83 25.39
C LEU A 210 5.08 -5.66 26.51
N VAL A 211 5.47 -5.36 27.74
CA VAL A 211 4.95 -6.05 28.92
C VAL A 211 3.79 -5.22 29.46
N PRO A 212 2.69 -5.83 29.90
CA PRO A 212 1.58 -5.02 30.43
C PRO A 212 1.90 -4.55 31.85
N LYS A 213 1.86 -3.24 32.04
CA LYS A 213 2.16 -2.67 33.35
C LYS A 213 1.22 -1.50 33.59
N ASN A 214 0.69 -1.43 34.82
CA ASN A 214 -0.18 -0.36 35.23
C ASN A 214 0.64 0.76 35.86
N ALA A 215 0.31 2.00 35.51
CA ALA A 215 1.07 3.13 36.03
C ALA A 215 0.95 3.21 37.55
N LYS A 216 -0.26 3.04 38.07
CA LYS A 216 -0.55 3.15 39.50
C LYS A 216 -0.23 4.52 40.06
N ASP A 217 -0.01 5.52 39.21
CA ASP A 217 0.10 6.91 39.63
C ASP A 217 -0.78 7.85 38.83
N GLY A 218 -1.11 7.53 37.58
CA GLY A 218 -1.98 8.37 36.78
C GLY A 218 -3.44 8.08 37.07
N ASN A 219 -4.31 8.71 36.27
CA ASN A 219 -5.75 8.59 36.45
C ASN A 219 -6.49 8.16 35.18
N SER A 220 -6.11 8.69 34.02
CA SER A 220 -6.91 8.49 32.81
C SER A 220 -6.96 7.02 32.41
N PHE A 221 -5.81 6.46 32.03
CA PHE A 221 -5.71 5.07 31.60
C PHE A 221 -4.74 4.35 32.52
N GLN A 222 -5.26 3.38 33.29
CA GLN A 222 -4.43 2.62 34.22
C GLN A 222 -4.08 1.24 33.68
N GLY A 223 -5.08 0.42 33.39
CA GLY A 223 -4.82 -0.93 32.93
C GLY A 223 -4.39 -1.02 31.49
N GLU A 224 -4.72 -0.02 30.69
CA GLU A 224 -4.42 -0.02 29.25
C GLU A 224 -3.08 0.64 28.96
N THR A 225 -2.01 0.16 29.60
CA THR A 225 -0.69 0.70 29.39
C THR A 225 0.33 -0.42 29.36
N TRP A 226 1.23 -0.35 28.40
CA TRP A 226 2.30 -1.33 28.21
C TRP A 226 3.64 -0.60 28.27
N ARG A 227 4.64 -1.27 28.82
CA ARG A 227 5.99 -0.74 28.92
C ARG A 227 6.93 -1.55 28.05
N LEU A 228 7.88 -0.87 27.41
CA LEU A 228 8.84 -1.57 26.57
C LEU A 228 9.68 -2.53 27.39
N SER A 229 10.06 -3.63 26.76
CA SER A 229 10.96 -4.61 27.34
C SER A 229 11.98 -5.00 26.27
N PHE A 230 13.25 -4.93 26.64
CA PHE A 230 14.38 -5.27 25.78
C PHE A 230 15.22 -6.35 26.44
N SER A 231 14.58 -7.20 27.24
CA SER A 231 15.35 -8.17 28.03
C SER A 231 16.16 -9.10 27.14
N HIS A 232 15.72 -9.30 25.89
CA HIS A 232 16.49 -10.14 24.97
C HIS A 232 17.82 -9.49 24.59
N THR A 233 17.80 -8.20 24.26
CA THR A 233 19.05 -7.49 24.00
C THR A 233 19.91 -7.44 25.25
N GLU A 234 19.27 -7.29 26.41
CA GLU A 234 20.00 -7.33 27.67
C GLU A 234 20.73 -8.66 27.84
N LYS A 235 20.04 -9.78 27.57
CA LYS A 235 20.68 -11.09 27.66
C LYS A 235 21.82 -11.21 26.66
N TYR A 236 21.59 -10.76 25.42
CA TYR A 236 22.66 -10.70 24.43
C TYR A 236 23.90 -10.06 25.03
N ILE A 237 23.77 -8.82 25.49
CA ILE A 237 24.94 -8.07 25.95
C ILE A 237 25.55 -8.70 27.20
N LEU A 238 24.75 -9.33 28.06
CA LEU A 238 25.34 -10.02 29.21
C LEU A 238 26.19 -11.20 28.77
N ASN A 239 25.67 -12.05 27.89
CA ASN A 239 26.40 -13.26 27.52
C ASN A 239 27.69 -12.92 26.76
N ASN A 240 27.56 -12.37 25.56
CA ASN A 240 28.72 -12.09 24.72
C ASN A 240 29.14 -10.63 24.89
N HIS A 241 29.69 -10.35 26.07
CA HIS A 241 30.25 -9.05 26.39
C HIS A 241 31.70 -8.96 25.90
N GLY A 242 32.29 -7.80 26.09
CA GLY A 242 33.69 -7.62 25.75
C GLY A 242 33.89 -7.09 24.34
N ILE A 243 35.01 -6.40 24.15
CA ILE A 243 35.40 -5.97 22.81
C ILE A 243 36.30 -6.99 22.13
N GLU A 244 36.82 -7.97 22.87
CA GLU A 244 37.54 -9.09 22.29
C GLU A 244 36.56 -10.23 22.06
N LYS A 245 36.52 -10.75 20.83
CA LYS A 245 35.53 -11.75 20.48
C LYS A 245 35.70 -13.04 21.26
N THR A 246 36.89 -13.29 21.82
CA THR A 246 37.13 -14.50 22.61
C THR A 246 37.07 -14.27 24.11
N CYS A 247 37.04 -13.02 24.57
CA CYS A 247 36.97 -12.74 25.99
C CYS A 247 35.76 -13.41 26.62
N CYS A 248 36.00 -14.37 27.51
CA CYS A 248 34.97 -15.19 28.13
C CYS A 248 34.24 -16.08 27.13
N GLU A 249 34.73 -16.14 25.88
CA GLU A 249 34.18 -17.05 24.88
C GLU A 249 35.09 -18.24 24.61
N SER A 250 36.39 -18.11 24.92
CA SER A 250 37.36 -19.16 24.65
C SER A 250 38.70 -18.72 25.22
N SER A 251 39.67 -19.65 25.20
CA SER A 251 41.07 -19.34 25.50
C SER A 251 41.20 -18.55 26.81
N GLY A 252 40.50 -19.01 27.83
CA GLY A 252 40.58 -18.33 29.11
C GLY A 252 40.14 -16.88 28.98
N ALA A 253 40.99 -15.97 29.46
CA ALA A 253 40.71 -14.54 29.39
C ALA A 253 39.43 -14.20 30.16
N LYS A 254 39.47 -14.44 31.46
CA LYS A 254 38.32 -14.20 32.33
C LYS A 254 38.31 -12.73 32.75
N CYS A 255 37.42 -11.96 32.13
CA CYS A 255 37.18 -10.58 32.54
C CYS A 255 36.07 -10.55 33.58
N CYS A 256 36.29 -9.77 34.64
CA CYS A 256 35.35 -9.68 35.74
C CYS A 256 34.58 -8.37 35.62
N ARG A 257 33.47 -8.42 34.89
CA ARG A 257 32.54 -7.30 34.84
C ARG A 257 31.13 -7.79 35.15
N LYS A 258 30.80 -9.00 34.70
CA LYS A 258 29.55 -9.62 35.13
C LYS A 258 29.60 -10.00 36.60
N GLU A 259 30.78 -10.42 37.09
CA GLU A 259 30.89 -10.80 38.49
C GLU A 259 30.64 -9.60 39.40
N CYS A 260 31.18 -8.44 39.01
CA CYS A 260 30.93 -7.22 39.77
C CYS A 260 29.45 -6.88 39.78
N LEU A 261 28.78 -7.02 38.64
CA LEU A 261 27.34 -6.79 38.60
C LEU A 261 26.60 -7.75 39.52
N LYS A 262 26.98 -9.02 39.51
CA LYS A 262 26.31 -10.00 40.36
C LYS A 262 26.44 -9.61 41.83
N LEU A 263 27.65 -9.26 42.26
CA LEU A 263 27.84 -8.92 43.68
C LEU A 263 27.13 -7.62 44.04
N MET A 264 27.11 -6.65 43.13
CA MET A 264 26.33 -5.42 43.39
C MET A 264 24.84 -5.73 43.52
N LYS A 265 24.32 -6.59 42.65
CA LYS A 265 22.91 -6.96 42.73
C LYS A 265 22.61 -7.69 44.03
N TYR A 266 23.52 -8.56 44.47
CA TYR A 266 23.35 -9.22 45.75
C TYR A 266 23.35 -8.20 46.88
N LEU A 267 24.25 -7.20 46.82
CA LEU A 267 24.25 -6.15 47.82
C LEU A 267 22.89 -5.46 47.90
N LEU A 268 22.36 -5.07 46.74
CA LEU A 268 21.06 -4.39 46.75
C LEU A 268 19.96 -5.29 47.29
N GLU A 269 19.96 -6.56 46.90
CA GLU A 269 18.92 -7.48 47.35
C GLU A 269 18.99 -7.69 48.86
N GLN A 270 20.20 -7.87 49.39
CA GLN A 270 20.35 -8.03 50.83
C GLN A 270 19.91 -6.78 51.57
N LEU A 271 20.23 -5.60 51.02
CA LEU A 271 19.74 -4.36 51.62
C LEU A 271 18.22 -4.32 51.64
N LYS A 272 17.59 -4.66 50.51
CA LYS A 272 16.13 -4.55 50.43
C LYS A 272 15.44 -5.55 51.33
N LYS A 273 16.01 -6.76 51.49
CA LYS A 273 15.43 -7.72 52.41
C LYS A 273 15.65 -7.27 53.86
N GLU A 274 16.84 -6.77 54.17
CA GLU A 274 17.15 -6.35 55.53
C GLU A 274 16.27 -5.21 56.00
N PHE A 275 16.05 -4.22 55.14
CA PHE A 275 15.33 -3.01 55.54
C PHE A 275 14.11 -2.85 54.64
N GLN A 276 13.15 -2.03 55.05
CA GLN A 276 11.82 -2.05 54.46
C GLN A 276 11.61 -1.05 53.33
N GLU A 277 11.94 0.23 53.52
CA GLU A 277 11.56 1.24 52.54
C GLU A 277 12.28 1.09 51.20
N LEU A 278 13.31 0.23 51.11
CA LEU A 278 13.98 0.01 49.85
C LEU A 278 13.17 -0.84 48.87
N ASP A 279 11.90 -1.09 49.17
CA ASP A 279 11.01 -1.83 48.28
C ASP A 279 10.59 -1.00 47.06
N ALA A 280 10.93 0.28 47.01
CA ALA A 280 10.59 1.14 45.88
C ALA A 280 11.66 1.15 44.80
N PHE A 281 12.82 0.53 45.04
CA PHE A 281 13.89 0.41 44.05
C PHE A 281 14.14 -1.07 43.81
N CYS A 282 13.79 -1.52 42.60
CA CYS A 282 13.92 -2.93 42.25
C CYS A 282 15.39 -3.26 41.98
N SER A 283 15.63 -4.50 41.54
CA SER A 283 16.96 -4.95 41.18
C SER A 283 17.36 -4.54 39.78
N TYR A 284 16.46 -3.90 39.03
CA TYR A 284 16.74 -3.47 37.67
C TYR A 284 17.58 -2.21 37.60
N HIS A 285 17.50 -1.34 38.60
CA HIS A 285 18.27 -0.10 38.58
C HIS A 285 19.76 -0.38 38.60
N VAL A 286 20.18 -1.41 39.34
CA VAL A 286 21.60 -1.76 39.39
C VAL A 286 22.09 -2.12 37.99
N LYS A 287 21.29 -2.89 37.26
CA LYS A 287 21.67 -3.29 35.91
C LYS A 287 21.79 -2.08 35.00
N THR A 288 20.86 -1.12 35.11
CA THR A 288 20.94 0.07 34.28
C THR A 288 22.18 0.88 34.63
N ALA A 289 22.52 0.97 35.92
CA ALA A 289 23.77 1.63 36.30
C ALA A 289 24.96 0.96 35.65
N ILE A 290 25.00 -0.37 35.68
CA ILE A 290 26.16 -1.08 35.14
C ILE A 290 26.23 -0.90 33.63
N PHE A 291 25.08 -0.86 32.96
CA PHE A 291 25.07 -0.68 31.51
C PHE A 291 25.46 0.74 31.11
N HIS A 292 25.10 1.74 31.93
CA HIS A 292 25.61 3.09 31.73
C HIS A 292 27.08 3.22 32.07
N MET A 293 27.61 2.33 32.91
CA MET A 293 28.99 2.44 33.33
C MET A 293 29.92 1.72 32.35
N TRP A 294 29.48 0.61 31.78
CA TRP A 294 30.32 -0.13 30.84
C TRP A 294 30.62 0.70 29.60
N THR A 295 29.74 1.61 29.23
CA THR A 295 30.01 2.55 28.15
C THR A 295 30.83 3.74 28.61
N GLN A 296 31.05 3.89 29.93
CA GLN A 296 31.93 4.93 30.43
C GLN A 296 33.39 4.62 30.21
N ASP A 297 33.75 3.34 30.14
CA ASP A 297 35.13 2.94 29.92
C ASP A 297 35.20 1.61 29.19
N PRO A 298 35.20 1.62 27.85
CA PRO A 298 35.24 0.36 27.10
C PRO A 298 36.51 -0.45 27.33
N GLN A 299 36.36 -1.60 27.98
CA GLN A 299 37.41 -2.61 28.09
C GLN A 299 38.76 -1.97 28.46
N ASP A 300 38.77 -1.38 29.66
CA ASP A 300 40.03 -0.95 30.21
C ASP A 300 40.83 -2.14 30.71
N SER A 301 42.08 -1.88 31.12
CA SER A 301 42.87 -2.88 31.78
C SER A 301 42.31 -3.24 33.15
N GLN A 302 41.35 -2.46 33.65
CA GLN A 302 40.80 -2.63 34.99
C GLN A 302 39.53 -3.48 35.00
N TRP A 303 39.47 -4.50 34.14
CA TRP A 303 38.44 -5.53 34.18
C TRP A 303 39.10 -6.89 34.38
N ASP A 304 40.20 -6.92 35.10
CA ASP A 304 40.99 -8.12 35.36
C ASP A 304 40.59 -8.75 36.69
N PRO A 305 40.79 -10.06 36.85
CA PRO A 305 40.37 -10.71 38.11
C PRO A 305 41.00 -10.10 39.35
N ARG A 306 42.23 -9.60 39.24
CA ARG A 306 42.82 -8.85 40.33
C ARG A 306 42.30 -7.42 40.33
N ASN A 307 42.52 -6.72 41.45
CA ASN A 307 42.04 -5.35 41.65
C ASN A 307 40.52 -5.28 41.70
N LEU A 308 39.88 -6.45 41.82
CA LEU A 308 38.44 -6.58 41.83
C LEU A 308 37.80 -5.76 42.96
N SER A 309 38.51 -5.59 44.06
CA SER A 309 38.10 -4.62 45.07
C SER A 309 38.03 -3.21 44.48
N SER A 310 38.93 -2.89 43.54
CA SER A 310 38.81 -1.62 42.83
C SER A 310 37.57 -1.61 41.94
N CYS A 311 37.25 -2.75 41.31
CA CYS A 311 36.02 -2.86 40.54
C CYS A 311 34.83 -2.42 41.39
N PHE A 312 34.78 -2.87 42.65
CA PHE A 312 33.64 -2.49 43.48
C PHE A 312 33.75 -1.07 44.02
N ASP A 313 34.95 -0.57 44.27
CA ASP A 313 35.07 0.85 44.61
C ASP A 313 34.43 1.70 43.53
N LYS A 314 34.74 1.40 42.27
CA LYS A 314 34.21 2.20 41.16
C LYS A 314 32.72 1.95 40.96
N LEU A 315 32.27 0.70 41.09
CA LEU A 315 30.83 0.44 41.05
C LEU A 315 30.09 1.36 42.01
N LEU A 316 30.45 1.30 43.29
CA LEU A 316 29.78 2.14 44.28
C LEU A 316 29.91 3.60 43.89
N ALA A 317 31.13 4.05 43.61
CA ALA A 317 31.34 5.43 43.17
C ALA A 317 30.24 5.86 42.22
N PHE A 318 30.04 5.08 41.15
CA PHE A 318 29.03 5.43 40.15
C PHE A 318 27.63 5.43 40.76
N PHE A 319 27.33 4.41 41.59
CA PHE A 319 25.99 4.29 42.16
C PHE A 319 25.66 5.50 43.03
N LEU A 320 26.57 5.84 43.94
CA LEU A 320 26.38 6.98 44.82
C LEU A 320 26.32 8.28 44.02
N GLU A 321 27.14 8.39 42.95
CA GLU A 321 27.07 9.61 42.14
C GLU A 321 25.70 9.76 41.50
N CYS A 322 25.11 8.66 41.04
CA CYS A 322 23.76 8.72 40.50
C CYS A 322 22.74 9.08 41.58
N LEU A 323 22.86 8.49 42.78
CA LEU A 323 21.91 8.78 43.84
C LEU A 323 21.97 10.24 44.28
N ARG A 324 23.18 10.78 44.43
CA ARG A 324 23.34 12.13 44.95
C ARG A 324 22.79 13.18 44.00
N THR A 325 23.05 13.02 42.69
CA THR A 325 22.69 14.02 41.70
C THR A 325 21.26 13.85 41.17
N GLU A 326 20.54 12.81 41.60
CA GLU A 326 19.14 12.65 41.25
C GLU A 326 18.98 12.37 39.75
N LYS A 327 19.81 11.47 39.23
CA LYS A 327 19.76 11.17 37.81
C LYS A 327 20.35 9.80 37.54
N LEU A 328 19.58 8.94 36.88
CA LEU A 328 20.09 7.70 36.31
C LEU A 328 19.16 7.33 35.17
N ASP A 329 19.57 7.63 33.94
CA ASP A 329 18.71 7.40 32.79
C ASP A 329 18.57 5.91 32.51
N HIS A 330 17.38 5.50 32.08
CA HIS A 330 17.20 4.15 31.57
C HIS A 330 18.15 3.93 30.41
N TYR A 331 18.81 2.77 30.40
CA TYR A 331 19.89 2.56 29.44
C TYR A 331 19.38 2.66 28.01
N PHE A 332 18.23 2.05 27.72
CA PHE A 332 17.69 2.02 26.37
C PHE A 332 16.87 3.26 26.05
N ILE A 333 16.11 3.76 27.02
CA ILE A 333 15.45 5.06 26.89
C ILE A 333 16.27 6.07 27.68
N PRO A 334 17.03 6.94 27.03
CA PRO A 334 17.95 7.83 27.76
C PRO A 334 17.30 9.07 28.36
N LYS A 335 15.99 9.27 28.20
CA LYS A 335 15.28 10.39 28.78
C LYS A 335 14.21 9.92 29.76
N PHE A 336 14.52 8.88 30.54
CA PHE A 336 13.58 8.26 31.48
C PHE A 336 14.36 7.97 32.76
N ASN A 337 14.29 8.89 33.71
CA ASN A 337 14.98 8.72 34.99
C ASN A 337 14.31 7.62 35.80
N LEU A 338 15.01 6.51 36.02
CA LEU A 338 14.41 5.40 36.74
C LEU A 338 14.06 5.79 38.17
N PHE A 339 14.95 6.46 38.89
CA PHE A 339 14.66 6.96 40.23
C PHE A 339 14.78 8.48 40.23
N SER A 340 13.62 9.13 40.36
CA SER A 340 13.51 10.59 40.44
C SER A 340 12.44 10.94 41.47
N GLN A 341 12.40 12.22 41.84
CA GLN A 341 11.47 12.65 42.88
C GLN A 341 10.03 12.29 42.51
N GLU A 342 9.63 12.61 41.28
CA GLU A 342 8.26 12.34 40.86
C GLU A 342 7.96 10.85 40.93
N LEU A 343 8.88 10.01 40.43
CA LEU A 343 8.69 8.56 40.52
C LEU A 343 8.93 8.06 41.94
N ILE A 344 9.96 8.59 42.61
CA ILE A 344 10.28 8.21 43.99
C ILE A 344 10.81 9.46 44.70
N ASP A 345 10.08 9.95 45.70
CA ASP A 345 10.51 11.13 46.43
C ASP A 345 11.91 10.95 46.98
N ARG A 346 12.54 12.08 47.31
CA ARG A 346 13.97 12.08 47.61
C ARG A 346 14.32 11.41 48.93
N LYS A 347 13.36 11.28 49.85
CA LYS A 347 13.68 10.77 51.19
C LYS A 347 14.26 9.36 51.12
N SER A 348 13.57 8.46 50.43
CA SER A 348 14.00 7.07 50.38
C SER A 348 15.36 6.92 49.72
N LYS A 349 15.59 7.66 48.63
CA LYS A 349 16.89 7.57 47.96
C LYS A 349 17.99 8.23 48.78
N GLU A 350 17.66 9.25 49.57
CA GLU A 350 18.64 9.79 50.51
C GLU A 350 19.04 8.72 51.51
N PHE A 351 18.05 8.00 52.04
CA PHE A 351 18.35 6.90 52.95
C PHE A 351 19.21 5.84 52.27
N LEU A 352 18.91 5.53 51.01
CA LEU A 352 19.67 4.52 50.28
C LEU A 352 21.11 4.98 50.04
N SER A 353 21.30 6.26 49.73
CA SER A 353 22.65 6.79 49.60
C SER A 353 23.40 6.69 50.92
N LYS A 354 22.73 6.99 52.03
CA LYS A 354 23.36 6.84 53.33
C LYS A 354 23.75 5.39 53.58
N LYS A 355 22.87 4.45 53.22
CA LYS A 355 23.16 3.04 53.43
C LYS A 355 24.35 2.58 52.57
N ILE A 356 24.40 3.02 51.31
CA ILE A 356 25.52 2.68 50.46
C ILE A 356 26.81 3.25 51.02
N GLU A 357 26.77 4.51 51.47
CA GLU A 357 27.95 5.11 52.09
C GLU A 357 28.41 4.28 53.28
N TYR A 358 27.49 3.93 54.18
CA TYR A 358 27.88 3.21 55.39
C TYR A 358 28.46 1.85 55.04
N GLU A 359 27.75 1.07 54.22
CA GLU A 359 28.25 -0.26 53.87
C GLU A 359 29.53 -0.19 53.03
N ARG A 360 29.84 0.96 52.44
CA ARG A 360 31.15 1.14 51.83
C ARG A 360 32.24 1.07 52.89
N ASN A 361 32.00 1.66 54.06
CA ASN A 361 32.96 1.65 55.14
C ASN A 361 32.77 0.41 56.02
N ASN A 362 33.64 0.28 57.02
CA ASN A 362 33.52 -0.76 58.04
C ASN A 362 33.61 -2.15 57.44
N GLY A 363 34.08 -2.26 56.21
CA GLY A 363 34.26 -3.55 55.59
C GLY A 363 33.00 -4.24 55.15
N PHE A 364 31.93 -3.50 54.88
CA PHE A 364 30.69 -4.09 54.38
C PHE A 364 30.14 -5.12 55.36
N PRO A 365 29.60 -4.70 56.50
CA PRO A 365 29.03 -5.67 57.44
C PRO A 365 27.89 -6.49 56.85
N ILE A 366 27.25 -5.99 55.79
CA ILE A 366 26.15 -6.71 55.15
C ILE A 366 26.56 -8.07 54.60
N PHE A 367 27.85 -8.32 54.44
CA PHE A 367 28.35 -9.56 53.83
C PHE A 367 28.89 -10.53 54.87
N ASP A 368 28.64 -10.29 56.16
CA ASP A 368 29.01 -11.27 57.19
C ASP A 368 27.94 -12.35 57.34
N LYS A 369 26.69 -11.96 57.57
CA LYS A 369 25.58 -12.90 57.53
C LYS A 369 25.15 -13.24 56.12
N LEU A 370 25.59 -12.46 55.12
CA LEU A 370 25.33 -12.78 53.72
C LEU A 370 23.84 -12.87 53.44
N LYS D 13 5.68 34.58 17.00
CA LYS D 13 4.56 34.53 16.07
C LYS D 13 4.92 33.70 14.85
N ALA D 14 4.08 33.76 13.82
CA ALA D 14 4.31 33.07 12.55
C ALA D 14 4.40 31.55 12.77
N LYS D 15 3.26 30.99 13.19
CA LYS D 15 3.08 29.55 13.20
C LYS D 15 2.81 29.07 11.79
N SER D 16 3.39 27.92 11.45
CA SER D 16 3.13 27.29 10.17
C SER D 16 1.84 26.48 10.24
N ARG D 17 1.06 26.54 9.16
CA ARG D 17 -0.22 25.86 9.14
C ARG D 17 -0.09 24.36 9.32
N SER D 18 1.07 23.79 9.02
CA SER D 18 1.25 22.34 9.11
C SER D 18 1.72 21.90 10.47
N SER D 19 2.01 22.83 11.39
CA SER D 19 2.36 22.49 12.77
C SER D 19 1.16 22.47 13.68
N ARG D 20 0.18 23.35 13.45
CA ARG D 20 -1.07 23.29 14.19
C ARG D 20 -1.76 21.96 13.95
N ALA D 21 -1.86 21.56 12.68
CA ALA D 21 -2.55 20.33 12.32
C ALA D 21 -1.80 19.09 12.76
N GLY D 22 -0.58 19.22 13.26
CA GLY D 22 0.20 18.06 13.68
C GLY D 22 0.81 17.29 12.54
N LEU D 23 1.00 17.91 11.39
CA LEU D 23 1.45 17.25 10.17
C LEU D 23 2.93 17.48 9.94
N GLN D 24 3.52 16.61 9.12
CA GLN D 24 4.86 16.82 8.58
C GLN D 24 4.84 17.34 7.16
N PHE D 25 3.78 17.07 6.40
CA PHE D 25 3.70 17.53 5.03
C PHE D 25 3.25 18.99 4.99
N PRO D 26 3.56 19.69 3.91
CA PRO D 26 3.34 21.14 3.86
C PRO D 26 1.90 21.50 3.53
N VAL D 27 1.19 22.03 4.52
CA VAL D 27 -0.17 22.49 4.28
C VAL D 27 -0.18 23.72 3.39
N GLY D 28 0.79 24.62 3.57
CA GLY D 28 0.85 25.80 2.73
C GLY D 28 1.18 25.48 1.29
N ARG D 29 2.17 24.62 1.07
CA ARG D 29 2.52 24.23 -0.30
C ARG D 29 1.37 23.47 -0.95
N VAL D 30 0.69 22.61 -0.19
CA VAL D 30 -0.43 21.88 -0.73
C VAL D 30 -1.57 22.82 -1.12
N HIS D 31 -1.83 23.83 -0.30
CA HIS D 31 -2.85 24.81 -0.66
C HIS D 31 -2.46 25.57 -1.92
N ARG D 32 -1.19 25.96 -2.02
CA ARG D 32 -0.74 26.66 -3.21
C ARG D 32 -0.86 25.77 -4.45
N LEU D 33 -0.53 24.49 -4.32
CA LEU D 33 -0.67 23.57 -5.44
C LEU D 33 -2.12 23.41 -5.86
N LEU D 34 -3.03 23.32 -4.89
CA LEU D 34 -4.45 23.24 -5.21
C LEU D 34 -4.93 24.50 -5.90
N ARG D 35 -4.47 25.66 -5.47
CA ARG D 35 -4.91 26.92 -6.09
C ARG D 35 -4.34 27.09 -7.49
N LYS D 36 -3.06 26.82 -7.68
CA LYS D 36 -2.41 27.06 -8.97
C LYS D 36 -2.81 26.01 -10.00
N GLY D 37 -2.92 24.75 -9.60
CA GLY D 37 -3.55 23.79 -10.47
C GLY D 37 -5.01 24.11 -10.67
N ASN D 38 -5.56 23.62 -11.77
CA ASN D 38 -6.93 23.97 -12.15
C ASN D 38 -7.90 22.91 -11.65
N TYR D 39 -8.09 22.93 -10.33
CA TYR D 39 -8.96 21.98 -9.64
C TYR D 39 -10.32 22.57 -9.30
N ALA D 40 -10.37 23.85 -8.94
CA ALA D 40 -11.64 24.50 -8.66
C ALA D 40 -11.39 26.00 -8.55
N GLU D 41 -12.48 26.76 -8.57
CA GLU D 41 -12.37 28.21 -8.47
C GLU D 41 -11.94 28.66 -7.09
N ARG D 42 -12.25 27.86 -6.06
CA ARG D 42 -11.92 28.20 -4.68
C ARG D 42 -11.49 26.94 -3.95
N VAL D 43 -10.83 27.12 -2.82
CA VAL D 43 -10.33 26.02 -2.02
C VAL D 43 -10.49 26.40 -0.55
N GLY D 44 -11.21 25.58 0.20
CA GLY D 44 -11.50 25.89 1.57
C GLY D 44 -10.25 25.96 2.43
N ALA D 45 -10.48 26.10 3.73
CA ALA D 45 -9.39 26.14 4.70
C ALA D 45 -9.04 24.77 5.25
N GLY D 46 -9.97 23.82 5.21
CA GLY D 46 -9.72 22.48 5.66
C GLY D 46 -9.37 21.51 4.56
N ALA D 47 -9.32 21.97 3.32
CA ALA D 47 -8.92 21.06 2.24
C ALA D 47 -7.43 20.77 2.29
N PRO D 48 -6.53 21.76 2.32
CA PRO D 48 -5.11 21.44 2.43
C PRO D 48 -4.78 20.62 3.65
N VAL D 49 -5.45 20.86 4.77
CA VAL D 49 -5.14 20.14 6.00
C VAL D 49 -5.61 18.69 5.89
N TYR D 50 -6.76 18.46 5.28
CA TYR D 50 -7.22 17.09 5.06
C TYR D 50 -6.32 16.35 4.10
N LEU D 51 -5.95 16.99 2.99
CA LEU D 51 -5.22 16.31 1.93
C LEU D 51 -3.78 16.06 2.32
N ALA D 52 -3.14 17.00 3.02
CA ALA D 52 -1.80 16.76 3.53
C ALA D 52 -1.80 15.61 4.54
N ALA D 53 -2.82 15.54 5.39
CA ALA D 53 -2.92 14.44 6.34
C ALA D 53 -3.09 13.11 5.63
N VAL D 54 -3.89 13.06 4.58
CA VAL D 54 -4.08 11.82 3.84
C VAL D 54 -2.80 11.42 3.13
N LEU D 55 -2.13 12.38 2.49
CA LEU D 55 -0.88 12.07 1.78
C LEU D 55 0.19 11.60 2.75
N GLU D 56 0.29 12.23 3.91
CA GLU D 56 1.24 11.75 4.91
C GLU D 56 0.87 10.37 5.40
N TYR D 57 -0.43 10.09 5.58
CA TYR D 57 -0.83 8.75 5.98
C TYR D 57 -0.35 7.72 4.97
N LEU D 58 -0.64 7.95 3.70
CA LEU D 58 -0.27 6.97 2.67
C LEU D 58 1.24 6.83 2.56
N THR D 59 1.96 7.95 2.61
CA THR D 59 3.41 7.88 2.54
C THR D 59 3.99 7.08 3.69
N ALA D 60 3.52 7.32 4.90
CA ALA D 60 3.99 6.54 6.04
C ALA D 60 3.60 5.07 5.92
N GLU D 61 2.43 4.80 5.36
CA GLU D 61 1.97 3.43 5.21
C GLU D 61 2.86 2.65 4.25
N ILE D 62 3.25 3.27 3.14
CA ILE D 62 4.17 2.61 2.21
C ILE D 62 5.57 2.52 2.82
N LEU D 63 6.03 3.61 3.41
CA LEU D 63 7.41 3.67 3.89
C LEU D 63 7.67 2.73 5.04
N GLU D 64 6.70 2.48 5.92
CA GLU D 64 6.93 1.54 7.00
C GLU D 64 7.08 0.11 6.48
N LEU D 65 6.21 -0.32 5.58
CA LEU D 65 6.34 -1.65 5.00
C LEU D 65 7.63 -1.78 4.19
N ALA D 66 7.96 -0.74 3.42
CA ALA D 66 9.20 -0.75 2.66
C ALA D 66 10.41 -0.85 3.59
N GLY D 67 10.37 -0.14 4.71
CA GLY D 67 11.44 -0.22 5.69
C GLY D 67 11.54 -1.57 6.36
N ASN D 68 10.41 -2.23 6.61
CA ASN D 68 10.46 -3.59 7.13
C ASN D 68 11.08 -4.55 6.12
N ALA D 69 10.73 -4.40 4.85
CA ALA D 69 11.35 -5.20 3.80
C ALA D 69 12.84 -4.93 3.71
N ALA D 70 13.26 -3.67 3.83
CA ALA D 70 14.68 -3.37 3.84
C ALA D 70 15.38 -3.99 5.04
N ARG D 71 14.75 -3.94 6.22
CA ARG D 71 15.41 -4.40 7.43
C ARG D 71 15.53 -5.91 7.51
N ASP D 72 14.54 -6.65 7.02
CA ASP D 72 14.70 -8.10 7.01
C ASP D 72 15.73 -8.56 5.98
N ASN D 73 16.00 -7.73 4.96
CA ASN D 73 17.09 -7.94 4.02
C ASN D 73 18.45 -7.66 4.63
N LYS D 74 18.50 -7.16 5.86
CA LYS D 74 19.75 -6.84 6.54
C LYS D 74 20.44 -5.63 5.93
N LYS D 75 19.66 -4.62 5.55
CA LYS D 75 20.17 -3.40 4.95
C LYS D 75 19.78 -2.20 5.80
N THR D 76 20.33 -1.04 5.44
CA THR D 76 20.16 0.20 6.19
C THR D 76 19.57 1.29 5.31
N ARG D 77 19.04 0.92 4.15
CA ARG D 77 18.50 1.91 3.23
C ARG D 77 17.36 1.27 2.46
N ILE D 78 16.49 2.09 1.89
CA ILE D 78 15.36 1.64 1.10
C ILE D 78 15.72 1.86 -0.35
N ILE D 79 15.68 0.78 -1.14
CA ILE D 79 15.92 0.85 -2.58
C ILE D 79 14.63 0.44 -3.28
N PRO D 80 14.49 0.67 -4.59
CA PRO D 80 13.21 0.34 -5.25
C PRO D 80 12.85 -1.13 -5.20
N ARG D 81 13.82 -2.02 -4.95
CA ARG D 81 13.47 -3.41 -4.69
C ARG D 81 12.70 -3.58 -3.40
N HIS D 82 12.71 -2.56 -2.53
CA HIS D 82 11.98 -2.61 -1.27
C HIS D 82 10.64 -1.90 -1.33
N LEU D 83 10.48 -0.93 -2.22
CA LEU D 83 9.18 -0.34 -2.47
C LEU D 83 8.35 -1.17 -3.45
N GLN D 84 8.90 -2.26 -3.97
CA GLN D 84 8.14 -3.22 -4.77
C GLN D 84 7.62 -4.36 -3.93
N LEU D 85 8.42 -4.88 -3.02
CA LEU D 85 7.96 -5.92 -2.12
C LEU D 85 7.01 -5.40 -1.05
N ALA D 86 6.87 -4.09 -0.92
CA ALA D 86 5.93 -3.49 0.02
C ALA D 86 4.60 -3.14 -0.63
N ILE D 87 4.60 -2.80 -1.91
CA ILE D 87 3.35 -2.51 -2.61
C ILE D 87 2.70 -3.79 -3.09
N ARG D 88 3.49 -4.81 -3.38
CA ARG D 88 3.01 -6.03 -4.00
C ARG D 88 2.82 -7.17 -3.01
N ASN D 89 3.06 -6.95 -1.72
CA ASN D 89 2.71 -7.92 -0.68
C ASN D 89 1.56 -7.44 0.18
N ASP D 90 0.90 -6.34 -0.19
CA ASP D 90 -0.18 -5.76 0.58
C ASP D 90 -1.45 -5.78 -0.25
N GLU D 91 -2.55 -6.26 0.34
CA GLU D 91 -3.79 -6.40 -0.41
C GLU D 91 -4.25 -5.07 -0.98
N GLU D 92 -4.25 -4.02 -0.16
CA GLU D 92 -4.87 -2.75 -0.52
C GLU D 92 -3.94 -1.86 -1.33
N LEU D 93 -2.66 -1.76 -0.93
CA LEU D 93 -1.72 -0.98 -1.72
C LEU D 93 -1.52 -1.59 -3.09
N ASN D 94 -1.39 -2.91 -3.15
CA ASN D 94 -1.27 -3.60 -4.44
C ASN D 94 -2.41 -3.24 -5.37
N LYS D 95 -3.61 -3.03 -4.81
CA LYS D 95 -4.76 -2.64 -5.61
C LYS D 95 -4.80 -1.15 -5.89
N LEU D 96 -4.17 -0.32 -5.06
CA LEU D 96 -4.07 1.10 -5.32
C LEU D 96 -3.04 1.42 -6.39
N LEU D 97 -2.01 0.57 -6.54
CA LEU D 97 -0.92 0.77 -7.47
C LEU D 97 -0.75 -0.47 -8.34
N GLY D 98 -1.85 -0.95 -8.90
CA GLY D 98 -1.82 -2.15 -9.71
C GLY D 98 -1.41 -1.89 -11.14
N ARG D 99 -1.53 -0.66 -11.60
CA ARG D 99 -1.15 -0.25 -12.94
C ARG D 99 0.09 0.65 -12.92
N VAL D 100 1.05 0.30 -12.06
CA VAL D 100 2.22 1.14 -11.82
C VAL D 100 3.47 0.28 -11.91
N THR D 101 4.50 0.81 -12.57
CA THR D 101 5.80 0.16 -12.67
C THR D 101 6.80 0.89 -11.77
N ILE D 102 7.41 0.16 -10.85
CA ILE D 102 8.46 0.69 -9.99
C ILE D 102 9.80 0.35 -10.61
N ALA D 103 10.48 1.36 -11.16
CA ALA D 103 11.69 1.14 -11.93
C ALA D 103 12.78 0.56 -11.04
N GLN D 104 13.40 -0.53 -11.50
CA GLN D 104 14.42 -1.24 -10.74
C GLN D 104 13.82 -1.91 -9.50
N GLY D 105 12.62 -2.45 -9.65
CA GLY D 105 11.98 -3.16 -8.55
C GLY D 105 11.91 -4.65 -8.77
N GLY D 106 11.77 -5.07 -10.03
CA GLY D 106 11.71 -6.48 -10.36
C GLY D 106 10.30 -7.03 -10.34
N VAL D 107 10.16 -8.29 -9.96
CA VAL D 107 8.88 -8.98 -9.88
C VAL D 107 8.82 -9.72 -8.56
N LEU D 108 7.64 -10.21 -8.24
CA LEU D 108 7.41 -10.98 -7.03
C LEU D 108 7.60 -12.46 -7.32
N PRO D 109 8.44 -13.18 -6.60
CA PRO D 109 8.84 -14.52 -7.03
C PRO D 109 7.77 -15.59 -6.86
N ASN D 110 6.89 -15.73 -7.84
CA ASN D 110 5.89 -16.79 -7.86
C ASN D 110 6.10 -17.69 -9.08
N ILE D 111 6.07 -19.00 -8.85
CA ILE D 111 6.12 -19.99 -9.92
C ILE D 111 5.02 -21.03 -9.66
N GLN D 112 4.26 -21.34 -10.71
CA GLN D 112 3.14 -22.26 -10.56
C GLN D 112 3.60 -23.62 -10.06
N ALA D 113 2.78 -24.23 -9.21
CA ALA D 113 3.12 -25.50 -8.59
C ALA D 113 3.00 -26.68 -9.53
N VAL D 114 2.50 -26.49 -10.75
CA VAL D 114 2.48 -27.56 -11.73
C VAL D 114 3.79 -27.63 -12.51
N LEU D 115 4.66 -26.65 -12.37
CA LEU D 115 5.96 -26.65 -13.02
C LEU D 115 7.04 -27.29 -12.14
N LEU D 116 6.80 -27.44 -10.87
CA LEU D 116 7.77 -28.08 -9.99
C LEU D 116 7.80 -29.58 -10.26
N PRO D 117 8.98 -30.23 -10.16
CA PRO D 117 9.06 -31.65 -10.46
C PRO D 117 8.81 -32.55 -9.25
N SER E 32 17.49 26.91 -12.18
CA SER E 32 16.46 27.42 -11.28
C SER E 32 16.33 26.50 -10.06
N ARG E 33 15.15 26.50 -9.42
CA ARG E 33 14.92 25.80 -8.17
C ARG E 33 13.80 24.78 -8.37
N LYS E 34 14.13 23.50 -8.23
CA LYS E 34 13.12 22.45 -8.28
C LYS E 34 12.66 22.09 -6.87
N GLU E 35 11.35 22.05 -6.67
CA GLU E 35 10.74 21.78 -5.37
C GLU E 35 10.32 20.33 -5.35
N SER E 36 10.75 19.59 -4.33
CA SER E 36 10.41 18.19 -4.17
C SER E 36 9.93 17.91 -2.77
N TYR E 37 9.28 16.77 -2.60
CA TYR E 37 8.78 16.35 -1.31
C TYR E 37 9.85 15.66 -0.47
N SER E 38 11.09 15.60 -0.96
CA SER E 38 12.13 14.87 -0.27
C SER E 38 12.26 15.27 1.19
N VAL E 39 12.14 16.55 1.51
CA VAL E 39 12.28 17.00 2.89
C VAL E 39 11.24 16.31 3.77
N TYR E 40 9.99 16.32 3.33
CA TYR E 40 8.88 15.79 4.11
C TYR E 40 8.83 14.28 4.10
N VAL E 41 9.16 13.64 2.97
CA VAL E 41 9.22 12.19 2.96
C VAL E 41 10.33 11.69 3.88
N TYR E 42 11.44 12.42 3.94
CA TYR E 42 12.47 12.08 4.91
C TYR E 42 12.04 12.37 6.35
N LYS E 43 11.27 13.44 6.57
CA LYS E 43 10.69 13.69 7.89
C LYS E 43 9.80 12.55 8.32
N VAL E 44 8.98 12.05 7.40
CA VAL E 44 8.03 10.98 7.70
C VAL E 44 8.73 9.64 7.84
N LEU E 45 9.89 9.46 7.22
CA LEU E 45 10.63 8.22 7.38
C LEU E 45 11.45 8.19 8.67
N LYS E 46 11.65 9.32 9.33
CA LYS E 46 12.31 9.30 10.63
C LYS E 46 11.36 9.07 11.78
N GLN E 47 10.04 9.20 11.55
CA GLN E 47 9.07 8.83 12.56
C GLN E 47 8.89 7.32 12.63
N VAL E 48 8.50 6.72 11.52
CA VAL E 48 8.55 5.27 11.35
C VAL E 48 9.96 4.91 10.92
N HIS E 49 10.59 3.99 11.64
CA HIS E 49 11.94 3.56 11.30
C HIS E 49 12.94 4.70 11.42
N PRO E 50 13.24 5.20 12.61
CA PRO E 50 14.47 5.97 12.78
C PRO E 50 15.67 5.08 12.51
N ASP E 51 16.74 5.69 12.00
CA ASP E 51 17.93 4.95 11.59
C ASP E 51 17.72 4.16 10.30
N THR E 52 16.97 4.72 9.35
CA THR E 52 16.76 4.08 8.06
C THR E 52 16.63 5.16 7.01
N GLY E 53 17.39 5.03 5.91
CA GLY E 53 17.47 6.05 4.89
C GLY E 53 16.99 5.57 3.54
N ILE E 54 17.07 6.50 2.58
CA ILE E 54 16.57 6.27 1.23
C ILE E 54 17.75 6.44 0.27
N SER E 55 17.62 5.84 -0.91
CA SER E 55 18.73 5.76 -1.85
C SER E 55 18.63 6.76 -3.00
N SER E 56 17.83 7.81 -2.88
CA SER E 56 17.85 8.90 -3.85
C SER E 56 17.26 8.51 -5.19
N LYS E 57 17.00 7.22 -5.37
CA LYS E 57 16.19 6.77 -6.50
C LYS E 57 14.89 6.18 -5.99
N ALA E 58 14.94 5.51 -4.84
CA ALA E 58 13.74 5.24 -4.08
C ALA E 58 13.05 6.54 -3.68
N MET E 59 13.80 7.60 -3.38
CA MET E 59 13.17 8.87 -3.10
C MET E 59 12.51 9.44 -4.35
N GLY E 60 13.06 9.16 -5.53
CA GLY E 60 12.35 9.51 -6.75
C GLY E 60 11.07 8.72 -6.91
N ILE E 61 11.11 7.44 -6.55
CA ILE E 61 9.91 6.63 -6.52
C ILE E 61 8.85 7.29 -5.64
N MET E 62 9.25 7.70 -4.44
CA MET E 62 8.31 8.23 -3.46
C MET E 62 7.81 9.62 -3.83
N ASN E 63 8.66 10.46 -4.43
CA ASN E 63 8.19 11.74 -4.93
C ASN E 63 7.16 11.54 -6.02
N SER E 64 7.41 10.61 -6.94
CA SER E 64 6.44 10.31 -7.99
C SER E 64 5.15 9.77 -7.40
N PHE E 65 5.25 8.92 -6.37
CA PHE E 65 4.06 8.38 -5.74
C PHE E 65 3.22 9.48 -5.12
N VAL E 66 3.87 10.42 -4.41
CA VAL E 66 3.14 11.50 -3.77
C VAL E 66 2.46 12.38 -4.82
N ASN E 67 3.18 12.74 -5.89
CA ASN E 67 2.57 13.58 -6.91
C ASN E 67 1.54 12.84 -7.74
N ASP E 68 1.53 11.51 -7.71
CA ASP E 68 0.49 10.75 -8.40
C ASP E 68 -0.78 10.69 -7.56
N ILE E 69 -0.63 10.38 -6.27
CA ILE E 69 -1.80 10.29 -5.40
C ILE E 69 -2.41 11.65 -5.16
N PHE E 70 -1.59 12.68 -4.99
CA PHE E 70 -2.13 14.03 -4.91
C PHE E 70 -3.03 14.31 -6.09
N GLU E 71 -2.58 13.98 -7.29
CA GLU E 71 -3.36 14.28 -8.49
C GLU E 71 -4.61 13.43 -8.58
N ARG E 72 -4.55 12.16 -8.20
CA ARG E 72 -5.75 11.34 -8.17
C ARG E 72 -6.80 11.96 -7.27
N ILE E 73 -6.42 12.25 -6.02
CA ILE E 73 -7.37 12.78 -5.05
C ILE E 73 -7.91 14.14 -5.52
N ALA E 74 -7.02 15.02 -5.95
CA ALA E 74 -7.44 16.35 -6.36
C ALA E 74 -8.33 16.33 -7.59
N GLY E 75 -8.06 15.48 -8.57
CA GLY E 75 -8.93 15.37 -9.73
C GLY E 75 -10.29 14.81 -9.39
N GLU E 76 -10.33 13.79 -8.53
CA GLU E 76 -11.61 13.22 -8.14
C GLU E 76 -12.43 14.23 -7.33
N ALA E 77 -11.80 14.92 -6.39
CA ALA E 77 -12.50 15.95 -5.62
C ALA E 77 -12.95 17.09 -6.52
N SER E 78 -12.11 17.47 -7.49
CA SER E 78 -12.49 18.49 -8.44
C SER E 78 -13.69 18.08 -9.25
N ARG E 79 -13.80 16.80 -9.60
CA ARG E 79 -14.98 16.32 -10.30
C ARG E 79 -16.20 16.33 -9.41
N LEU E 80 -16.06 15.87 -8.17
CA LEU E 80 -17.18 15.90 -7.23
C LEU E 80 -17.74 17.31 -7.09
N ALA E 81 -16.87 18.30 -6.89
CA ALA E 81 -17.34 19.68 -6.77
C ALA E 81 -18.09 20.15 -8.00
N HIS E 82 -17.87 19.52 -9.16
CA HIS E 82 -18.50 19.93 -10.41
C HIS E 82 -19.79 19.18 -10.70
N TYR E 83 -19.90 17.94 -10.22
CA TYR E 83 -21.14 17.20 -10.37
C TYR E 83 -22.27 17.88 -9.59
N ASN E 84 -21.94 18.44 -8.44
CA ASN E 84 -22.90 19.08 -7.56
C ASN E 84 -22.99 20.58 -7.78
N LYS E 85 -22.50 21.07 -8.91
CA LYS E 85 -22.63 22.48 -9.28
C LYS E 85 -22.04 23.39 -8.22
N ARG E 86 -21.04 22.93 -7.49
CA ARG E 86 -20.34 23.75 -6.52
C ARG E 86 -19.15 24.42 -7.19
N SER E 87 -18.45 25.27 -6.44
CA SER E 87 -17.28 25.95 -6.96
C SER E 87 -16.19 26.05 -5.90
N THR E 88 -16.10 25.06 -5.03
CA THR E 88 -15.19 25.12 -3.89
C THR E 88 -14.83 23.70 -3.47
N ILE E 89 -13.55 23.39 -3.46
CA ILE E 89 -13.10 22.11 -2.91
C ILE E 89 -12.92 22.28 -1.41
N THR E 90 -13.70 21.54 -0.65
CA THR E 90 -13.71 21.62 0.81
C THR E 90 -13.13 20.33 1.37
N SER E 91 -13.13 20.23 2.70
CA SER E 91 -12.67 19.03 3.37
C SER E 91 -13.68 17.90 3.27
N ARG E 92 -14.90 18.19 2.83
CA ARG E 92 -15.92 17.18 2.65
C ARG E 92 -15.90 16.55 1.28
N GLU E 93 -15.16 17.11 0.33
CA GLU E 93 -14.94 16.50 -0.98
C GLU E 93 -13.64 15.73 -1.05
N ILE E 94 -12.60 16.21 -0.37
CA ILE E 94 -11.41 15.39 -0.18
C ILE E 94 -11.79 14.10 0.52
N GLN E 95 -12.75 14.15 1.44
CA GLN E 95 -13.16 12.94 2.14
C GLN E 95 -13.87 11.98 1.20
N THR E 96 -14.78 12.48 0.37
CA THR E 96 -15.45 11.60 -0.59
C THR E 96 -14.45 11.01 -1.58
N ALA E 97 -13.49 11.82 -2.05
CA ALA E 97 -12.47 11.30 -2.95
C ALA E 97 -11.63 10.22 -2.29
N VAL E 98 -11.23 10.43 -1.05
CA VAL E 98 -10.47 9.42 -0.33
C VAL E 98 -11.32 8.17 -0.12
N ARG E 99 -12.64 8.33 -0.03
CA ARG E 99 -13.51 7.18 0.18
C ARG E 99 -13.65 6.34 -1.09
N LEU E 100 -13.82 6.98 -2.24
CA LEU E 100 -14.07 6.22 -3.45
C LEU E 100 -12.82 5.97 -4.28
N LEU E 101 -11.65 6.46 -3.86
CA LEU E 101 -10.40 6.07 -4.52
C LEU E 101 -9.62 5.04 -3.73
N LEU E 102 -9.39 5.27 -2.46
CA LEU E 102 -8.63 4.28 -1.72
C LEU E 102 -9.44 2.99 -1.59
N PRO E 103 -8.80 1.82 -1.66
CA PRO E 103 -9.55 0.57 -1.57
C PRO E 103 -9.69 0.03 -0.16
N GLY E 104 -10.93 -0.26 0.23
CA GLY E 104 -11.14 -1.01 1.46
C GLY E 104 -10.67 -0.26 2.69
N GLU E 105 -9.90 -0.96 3.53
CA GLU E 105 -9.53 -0.42 4.84
C GLU E 105 -8.71 0.86 4.71
N LEU E 106 -7.93 1.02 3.64
CA LEU E 106 -7.21 2.27 3.45
C LEU E 106 -8.14 3.47 3.47
N ALA E 107 -9.36 3.30 2.97
CA ALA E 107 -10.31 4.41 2.97
C ALA E 107 -10.81 4.75 4.36
N LYS E 108 -10.80 3.79 5.28
CA LYS E 108 -11.30 4.08 6.63
C LYS E 108 -10.24 4.77 7.48
N HIS E 109 -9.00 4.32 7.39
CA HIS E 109 -7.92 4.95 8.16
C HIS E 109 -7.49 6.27 7.57
N ALA E 110 -7.61 6.45 6.26
CA ALA E 110 -7.20 7.71 5.64
C ALA E 110 -8.14 8.85 5.99
N VAL E 111 -9.45 8.59 6.06
CA VAL E 111 -10.39 9.64 6.46
C VAL E 111 -10.24 9.96 7.93
N SER E 112 -10.03 8.95 8.76
CA SER E 112 -9.94 9.17 10.20
C SER E 112 -8.74 10.03 10.59
N GLU E 113 -7.72 10.11 9.73
CA GLU E 113 -6.63 11.05 9.95
C GLU E 113 -6.83 12.36 9.21
N GLY E 114 -7.71 12.40 8.20
CA GLY E 114 -8.03 13.67 7.59
C GLY E 114 -8.93 14.53 8.45
N THR E 115 -9.88 13.91 9.15
CA THR E 115 -10.74 14.64 10.07
C THR E 115 -10.08 14.88 11.41
N LYS E 116 -9.14 14.03 11.80
CA LYS E 116 -8.37 14.28 13.02
C LYS E 116 -7.47 15.50 12.90
N ALA E 117 -7.20 15.96 11.68
CA ALA E 117 -6.35 17.11 11.44
C ALA E 117 -7.13 18.36 11.06
N VAL E 118 -8.41 18.24 10.74
CA VAL E 118 -9.23 19.43 10.50
C VAL E 118 -9.86 19.95 11.78
N THR E 119 -9.97 19.12 12.82
CA THR E 119 -10.37 19.62 14.12
C THR E 119 -9.19 20.18 14.88
N LYS E 120 -8.12 19.39 15.00
CA LYS E 120 -6.88 19.89 15.59
C LYS E 120 -6.44 21.21 14.97
N TYR E 121 -6.86 21.49 13.74
CA TYR E 121 -6.47 22.72 13.06
C TYR E 121 -7.36 23.90 13.39
N THR E 122 -8.64 23.66 13.65
CA THR E 122 -9.56 24.75 13.97
C THR E 122 -9.60 25.08 15.45
N SER E 123 -9.28 24.13 16.32
CA SER E 123 -9.20 24.41 17.75
C SER E 123 -7.99 25.26 18.12
N SER E 124 -7.16 25.62 17.15
CA SER E 124 -6.00 26.46 17.39
C SER E 124 -6.20 27.83 16.76
N ARG F 40 24.91 -34.76 -15.59
CA ARG F 40 24.22 -33.87 -16.51
C ARG F 40 22.79 -33.65 -16.05
N TYR F 41 22.49 -32.41 -15.64
CA TYR F 41 21.18 -32.09 -15.12
C TYR F 41 20.10 -32.43 -16.13
N ARG F 42 19.04 -33.09 -15.67
CA ARG F 42 17.94 -33.46 -16.55
C ARG F 42 17.24 -32.20 -17.06
N PRO F 43 16.67 -32.25 -18.26
CA PRO F 43 16.05 -31.04 -18.81
C PRO F 43 14.93 -30.54 -17.91
N GLY F 44 14.82 -29.22 -17.83
CA GLY F 44 13.89 -28.56 -16.95
C GLY F 44 14.49 -28.10 -15.64
N THR F 45 15.48 -28.84 -15.12
CA THR F 45 16.10 -28.44 -13.86
C THR F 45 16.78 -27.09 -13.99
N VAL F 46 17.51 -26.87 -15.09
CA VAL F 46 18.16 -25.58 -15.31
C VAL F 46 17.18 -24.54 -15.85
N ALA F 47 15.92 -24.91 -16.06
CA ALA F 47 14.87 -23.94 -16.35
C ALA F 47 14.23 -23.42 -15.09
N LEU F 48 14.11 -24.25 -14.06
CA LEU F 48 13.71 -23.77 -12.74
C LEU F 48 14.86 -23.11 -11.99
N ARG F 49 16.09 -23.53 -12.24
CA ARG F 49 17.23 -22.94 -11.55
C ARG F 49 17.30 -21.44 -11.80
N GLU F 50 17.03 -21.02 -13.04
CA GLU F 50 17.20 -19.64 -13.45
C GLU F 50 15.87 -18.89 -13.53
N ILE F 51 14.80 -19.44 -12.97
CA ILE F 51 13.61 -18.65 -12.65
C ILE F 51 13.73 -18.06 -11.25
N ARG F 52 14.22 -18.83 -10.29
CA ARG F 52 14.53 -18.29 -8.98
C ARG F 52 15.66 -17.29 -9.02
N ARG F 53 16.43 -17.22 -10.11
CA ARG F 53 17.54 -16.30 -10.22
C ARG F 53 17.13 -14.97 -10.83
N TYR F 54 16.36 -14.99 -11.91
CA TYR F 54 15.96 -13.76 -12.57
C TYR F 54 14.73 -13.12 -11.95
N GLN F 55 14.08 -13.80 -11.00
CA GLN F 55 13.01 -13.20 -10.23
C GLN F 55 13.48 -12.59 -8.93
N LYS F 56 14.63 -13.05 -8.42
CA LYS F 56 15.24 -12.51 -7.23
C LYS F 56 16.04 -11.26 -7.50
N SER F 57 16.22 -10.88 -8.76
CA SER F 57 17.05 -9.75 -9.15
C SER F 57 16.18 -8.62 -9.68
N THR F 58 16.83 -7.54 -10.10
CA THR F 58 16.16 -6.41 -10.71
C THR F 58 16.92 -5.84 -11.89
N GLU F 59 18.06 -6.42 -12.26
CA GLU F 59 18.86 -5.94 -13.38
C GLU F 59 18.00 -5.84 -14.63
N LEU F 60 18.43 -5.03 -15.60
CA LEU F 60 17.77 -5.02 -16.89
C LEU F 60 18.26 -6.20 -17.72
N LEU F 61 17.32 -6.89 -18.35
CA LEU F 61 17.59 -8.18 -18.99
C LEU F 61 17.81 -8.09 -20.49
N ILE F 62 17.76 -6.90 -21.07
CA ILE F 62 18.15 -6.70 -22.45
C ILE F 62 19.52 -6.03 -22.47
N ARG F 63 20.22 -6.17 -23.58
CA ARG F 63 21.45 -5.41 -23.78
C ARG F 63 21.10 -3.98 -24.15
N LYS F 64 21.79 -3.04 -23.52
CA LYS F 64 21.38 -1.65 -23.57
C LYS F 64 21.68 -1.00 -24.92
N LEU F 65 22.80 -1.36 -25.56
CA LEU F 65 23.17 -0.70 -26.81
C LEU F 65 22.33 -1.21 -27.97
N PRO F 66 22.07 -2.51 -28.13
CA PRO F 66 21.10 -2.93 -29.13
C PRO F 66 19.73 -2.30 -28.93
N PHE F 67 19.30 -2.14 -27.67
CA PHE F 67 18.03 -1.50 -27.41
C PHE F 67 18.04 -0.03 -27.82
N GLN F 68 19.13 0.68 -27.55
CA GLN F 68 19.24 2.06 -28.01
C GLN F 68 19.13 2.13 -29.52
N ARG F 69 19.84 1.26 -30.22
CA ARG F 69 19.77 1.27 -31.68
C ARG F 69 18.34 1.01 -32.15
N LEU F 70 17.66 0.06 -31.52
CA LEU F 70 16.27 -0.22 -31.87
C LEU F 70 15.38 0.99 -31.65
N VAL F 71 15.56 1.66 -30.50
CA VAL F 71 14.73 2.81 -30.15
C VAL F 71 14.91 3.92 -31.18
N ARG F 72 16.16 4.23 -31.52
CA ARG F 72 16.42 5.28 -32.50
C ARG F 72 15.92 4.90 -33.88
N GLU F 73 16.04 3.64 -34.28
CA GLU F 73 15.52 3.19 -35.56
C GLU F 73 14.01 3.32 -35.64
N ILE F 74 13.31 2.99 -34.55
CA ILE F 74 11.86 3.17 -34.54
C ILE F 74 11.50 4.64 -34.61
N ALA F 75 12.16 5.47 -33.80
CA ALA F 75 11.82 6.88 -33.78
C ALA F 75 12.16 7.58 -35.08
N GLN F 76 13.09 7.05 -35.88
CA GLN F 76 13.40 7.70 -37.15
C GLN F 76 12.19 7.81 -38.07
N ASP F 77 11.17 6.98 -37.86
CA ASP F 77 9.97 7.04 -38.68
C ASP F 77 9.01 8.16 -38.26
N PHE F 78 9.25 8.78 -37.09
CA PHE F 78 8.40 9.85 -36.58
C PHE F 78 9.02 11.22 -36.76
N LYS F 79 10.28 11.39 -36.38
CA LYS F 79 10.99 12.65 -36.56
C LYS F 79 12.46 12.36 -36.78
N THR F 80 13.06 13.05 -37.74
CA THR F 80 14.43 12.79 -38.15
C THR F 80 15.40 13.68 -37.37
N ASP F 81 16.62 13.18 -37.20
CA ASP F 81 17.68 13.88 -36.48
C ASP F 81 17.19 14.23 -35.06
N LEU F 82 16.93 13.17 -34.30
CA LEU F 82 16.31 13.28 -32.99
C LEU F 82 17.30 12.78 -31.94
N ARG F 83 17.31 13.42 -30.79
CA ARG F 83 18.23 13.09 -29.72
C ARG F 83 17.47 12.59 -28.50
N PHE F 84 18.08 11.67 -27.78
CA PHE F 84 17.45 11.03 -26.62
C PHE F 84 18.31 11.29 -25.39
N GLN F 85 17.69 11.81 -24.34
CA GLN F 85 18.38 11.85 -23.05
C GLN F 85 18.69 10.43 -22.61
N SER F 86 19.84 10.24 -21.98
CA SER F 86 20.17 8.91 -21.51
C SER F 86 19.14 8.38 -20.53
N ALA F 87 18.37 9.26 -19.91
CA ALA F 87 17.28 8.86 -19.03
C ALA F 87 16.04 8.43 -19.79
N ALA F 88 15.80 9.00 -20.98
CA ALA F 88 14.65 8.58 -21.78
C ALA F 88 14.79 7.14 -22.22
N ILE F 89 15.98 6.72 -22.62
CA ILE F 89 16.17 5.34 -23.04
C ILE F 89 16.10 4.40 -21.84
N GLY F 90 16.66 4.81 -20.71
CA GLY F 90 16.50 4.00 -19.51
C GLY F 90 15.04 3.81 -19.16
N ALA F 91 14.24 4.88 -19.27
CA ALA F 91 12.81 4.77 -19.01
C ALA F 91 12.13 3.85 -20.01
N LEU F 92 12.45 3.99 -21.29
CA LEU F 92 11.80 3.16 -22.30
C LEU F 92 12.15 1.70 -22.12
N GLN F 93 13.40 1.39 -21.82
CA GLN F 93 13.78 0.00 -21.62
C GLN F 93 13.13 -0.58 -20.37
N GLU F 94 13.12 0.18 -19.27
CA GLU F 94 12.49 -0.32 -18.05
C GLU F 94 10.99 -0.48 -18.22
N ALA F 95 10.36 0.36 -19.03
CA ALA F 95 8.93 0.24 -19.29
C ALA F 95 8.61 -0.87 -20.27
N SER F 96 9.52 -1.19 -21.19
CA SER F 96 9.30 -2.25 -22.16
C SER F 96 9.60 -3.63 -21.60
N GLU F 97 10.48 -3.74 -20.62
CA GLU F 97 10.73 -5.05 -20.03
C GLU F 97 9.63 -5.48 -19.09
N ALA F 98 9.00 -4.53 -18.38
CA ALA F 98 7.87 -4.87 -17.53
C ALA F 98 6.70 -5.39 -18.34
N TYR F 99 6.46 -4.79 -19.51
CA TYR F 99 5.40 -5.26 -20.38
C TYR F 99 5.62 -6.71 -20.78
N LEU F 100 6.83 -7.04 -21.22
CA LEU F 100 7.10 -8.40 -21.66
C LEU F 100 7.07 -9.38 -20.51
N VAL F 101 7.56 -8.99 -19.34
CA VAL F 101 7.51 -9.90 -18.20
C VAL F 101 6.07 -10.20 -17.82
N GLY F 102 5.21 -9.18 -17.78
CA GLY F 102 3.81 -9.43 -17.48
C GLY F 102 3.11 -10.24 -18.56
N LEU F 103 3.47 -9.99 -19.82
CA LEU F 103 2.89 -10.76 -20.91
C LEU F 103 3.26 -12.24 -20.78
N PHE F 104 4.50 -12.54 -20.45
CA PHE F 104 4.87 -13.92 -20.22
C PHE F 104 4.16 -14.50 -18.99
N GLU F 105 3.94 -13.68 -17.96
CA GLU F 105 3.20 -14.17 -16.80
C GLU F 105 1.78 -14.55 -17.16
N ASP F 106 1.15 -13.84 -18.10
CA ASP F 106 -0.18 -14.24 -18.57
C ASP F 106 -0.12 -15.47 -19.48
N THR F 107 0.88 -15.54 -20.36
CA THR F 107 0.94 -16.65 -21.30
C THR F 107 1.29 -17.95 -20.60
N ASN F 108 1.98 -17.88 -19.46
CA ASN F 108 2.20 -19.10 -18.70
C ASN F 108 0.87 -19.68 -18.24
N LEU F 109 -0.06 -18.83 -17.81
CA LEU F 109 -1.40 -19.30 -17.44
C LEU F 109 -2.13 -19.84 -18.66
N CYS F 110 -2.05 -19.15 -19.79
CA CYS F 110 -2.74 -19.65 -20.99
C CYS F 110 -2.16 -20.97 -21.47
N ALA F 111 -0.91 -21.27 -21.13
CA ALA F 111 -0.32 -22.56 -21.49
C ALA F 111 -0.68 -23.65 -20.49
N ILE F 112 -0.58 -23.34 -19.19
CA ILE F 112 -0.99 -24.29 -18.17
C ILE F 112 -2.46 -24.63 -18.31
N HIS F 113 -3.25 -23.72 -18.87
CA HIS F 113 -4.67 -24.00 -19.06
C HIS F 113 -4.89 -25.13 -20.03
N ALA F 114 -4.24 -25.09 -21.19
CA ALA F 114 -4.41 -26.09 -22.23
C ALA F 114 -3.67 -27.36 -21.95
N LYS F 115 -3.21 -27.57 -20.72
CA LYS F 115 -2.58 -28.81 -20.30
C LYS F 115 -1.23 -29.02 -21.00
N ARG F 116 -0.36 -28.04 -20.92
CA ARG F 116 1.01 -28.14 -21.39
C ARG F 116 1.86 -27.13 -20.65
N VAL F 117 3.18 -27.24 -20.82
CA VAL F 117 4.13 -26.35 -20.18
C VAL F 117 4.83 -25.47 -21.19
N THR F 118 5.07 -25.97 -22.40
CA THR F 118 5.70 -25.17 -23.44
C THR F 118 4.75 -24.08 -23.93
N ILE F 119 5.13 -22.82 -23.75
CA ILE F 119 4.34 -21.73 -24.30
C ILE F 119 4.47 -21.75 -25.82
N MET F 120 3.47 -21.16 -26.48
CA MET F 120 3.46 -21.14 -27.93
C MET F 120 2.93 -19.82 -28.44
N PRO F 121 3.15 -19.48 -29.71
CA PRO F 121 2.62 -18.22 -30.23
C PRO F 121 1.12 -18.08 -30.07
N LYS F 122 0.37 -19.18 -30.22
CA LYS F 122 -1.06 -19.14 -29.99
C LYS F 122 -1.39 -18.72 -28.56
N ASP F 123 -0.59 -19.17 -27.61
CA ASP F 123 -0.74 -18.77 -26.22
C ASP F 123 -0.56 -17.26 -26.04
N ILE F 124 0.48 -16.70 -26.67
CA ILE F 124 0.68 -15.25 -26.60
C ILE F 124 -0.49 -14.53 -27.22
N GLN F 125 -0.99 -15.03 -28.35
CA GLN F 125 -2.07 -14.36 -29.04
C GLN F 125 -3.38 -14.44 -28.26
N LEU F 126 -3.56 -15.47 -27.43
CA LEU F 126 -4.70 -15.46 -26.53
C LEU F 126 -4.51 -14.47 -25.39
N ALA F 127 -3.34 -14.49 -24.75
CA ALA F 127 -3.12 -13.59 -23.61
C ALA F 127 -3.25 -12.14 -24.04
N ARG F 128 -2.84 -11.81 -25.25
CA ARG F 128 -2.99 -10.47 -25.78
C ARG F 128 -4.38 -10.16 -26.28
N ARG F 129 -5.25 -11.15 -26.45
CA ARG F 129 -6.61 -10.90 -26.91
C ARG F 129 -7.60 -10.78 -25.77
N ILE F 130 -7.44 -11.53 -24.70
CA ILE F 130 -8.28 -11.31 -23.52
C ILE F 130 -8.12 -9.86 -23.06
N ARG F 131 -6.88 -9.43 -22.90
CA ARG F 131 -6.57 -8.01 -22.77
C ARG F 131 -7.02 -7.29 -24.04
N GLY F 132 -6.99 -5.97 -23.99
CA GLY F 132 -7.55 -5.21 -25.09
C GLY F 132 -6.58 -4.97 -26.23
N GLU F 133 -5.46 -5.68 -26.22
CA GLU F 133 -4.35 -5.32 -27.10
C GLU F 133 -4.59 -5.66 -28.56
N ARG F 134 -5.48 -6.59 -28.86
CA ARG F 134 -5.83 -6.89 -30.24
C ARG F 134 -7.34 -7.07 -30.41
N ASP G 24 -31.59 -16.33 -1.76
CA ASP G 24 -32.68 -16.70 -2.65
C ASP G 24 -33.08 -15.54 -3.54
N ASN G 25 -32.44 -14.38 -3.34
CA ASN G 25 -32.72 -13.22 -4.18
C ASN G 25 -31.78 -13.13 -5.38
N ILE G 26 -30.56 -13.64 -5.25
CA ILE G 26 -29.68 -13.75 -6.40
C ILE G 26 -30.21 -14.80 -7.36
N GLN G 27 -30.82 -15.87 -6.85
CA GLN G 27 -31.35 -16.94 -7.68
C GLN G 27 -32.41 -16.41 -8.65
N GLY G 28 -32.81 -15.16 -8.48
CA GLY G 28 -33.63 -14.52 -9.49
C GLY G 28 -32.94 -14.34 -10.81
N ILE G 29 -31.63 -14.55 -10.86
CA ILE G 29 -30.89 -14.60 -12.13
C ILE G 29 -30.99 -16.04 -12.61
N THR G 30 -32.09 -16.32 -13.29
CA THR G 30 -32.47 -17.70 -13.59
C THR G 30 -31.53 -18.30 -14.63
N LYS G 31 -31.36 -19.62 -14.55
CA LYS G 31 -30.51 -20.32 -15.52
C LYS G 31 -30.86 -19.98 -16.96
N PRO G 32 -32.12 -19.96 -17.37
CA PRO G 32 -32.44 -19.53 -18.75
C PRO G 32 -31.95 -18.14 -19.09
N ALA G 33 -31.61 -17.32 -18.11
CA ALA G 33 -31.06 -15.99 -18.37
C ALA G 33 -29.55 -16.02 -18.56
N ILE G 34 -28.85 -16.80 -17.74
CA ILE G 34 -27.41 -16.99 -17.95
C ILE G 34 -27.16 -17.63 -19.30
N ARG G 35 -28.01 -18.59 -19.69
CA ARG G 35 -27.85 -19.20 -21.01
C ARG G 35 -28.16 -18.21 -22.12
N ARG G 36 -29.16 -17.34 -21.91
CA ARG G 36 -29.46 -16.32 -22.91
C ARG G 36 -28.30 -15.36 -23.08
N LEU G 37 -27.59 -15.03 -22.00
CA LEU G 37 -26.40 -14.18 -22.11
C LEU G 37 -25.27 -14.92 -22.80
N ALA G 38 -25.04 -16.17 -22.44
CA ALA G 38 -23.94 -16.93 -23.02
C ALA G 38 -24.14 -17.12 -24.52
N ARG G 39 -25.36 -17.43 -24.95
CA ARG G 39 -25.63 -17.53 -26.38
C ARG G 39 -25.42 -16.23 -27.11
N ARG G 40 -25.39 -15.10 -26.41
CA ARG G 40 -25.03 -13.84 -27.03
C ARG G 40 -23.53 -13.59 -26.96
N GLY G 41 -22.83 -14.21 -26.02
CA GLY G 41 -21.39 -14.21 -26.05
C GLY G 41 -20.80 -15.15 -27.09
N GLY G 42 -21.61 -15.96 -27.73
CA GLY G 42 -21.15 -16.89 -28.75
C GLY G 42 -20.95 -18.30 -28.28
N VAL G 43 -21.33 -18.63 -27.06
CA VAL G 43 -21.16 -19.97 -26.53
C VAL G 43 -22.17 -20.90 -27.18
N LYS G 44 -21.76 -22.14 -27.44
CA LYS G 44 -22.64 -23.15 -28.01
C LYS G 44 -23.02 -24.25 -27.03
N ARG G 45 -22.27 -24.40 -25.95
CA ARG G 45 -22.40 -25.56 -25.07
C ARG G 45 -21.88 -25.14 -23.72
N ILE G 46 -22.72 -25.21 -22.70
CA ILE G 46 -22.48 -24.55 -21.43
C ILE G 46 -22.42 -25.60 -20.33
N SER G 47 -21.38 -25.54 -19.51
CA SER G 47 -21.26 -26.51 -18.43
C SER G 47 -22.43 -26.34 -17.48
N GLY G 48 -22.50 -27.23 -16.49
CA GLY G 48 -23.54 -27.19 -15.49
C GLY G 48 -23.10 -26.59 -14.18
N LEU G 49 -21.89 -26.05 -14.10
CA LEU G 49 -21.36 -25.48 -12.88
C LEU G 49 -21.12 -23.97 -12.99
N ILE G 50 -21.34 -23.37 -14.17
CA ILE G 50 -21.01 -21.97 -14.34
C ILE G 50 -22.13 -21.04 -13.93
N TYR G 51 -23.31 -21.56 -13.60
CA TYR G 51 -24.37 -20.70 -13.12
C TYR G 51 -24.06 -20.19 -11.71
N GLU G 52 -23.62 -21.09 -10.83
CA GLU G 52 -23.12 -20.67 -9.52
C GLU G 52 -21.93 -19.75 -9.64
N GLU G 53 -21.22 -19.76 -10.77
CA GLU G 53 -20.07 -18.90 -11.02
C GLU G 53 -20.47 -17.57 -11.63
N THR G 54 -21.36 -17.59 -12.62
CA THR G 54 -21.86 -16.34 -13.17
C THR G 54 -22.59 -15.53 -12.12
N ARG G 55 -23.27 -16.19 -11.17
CA ARG G 55 -23.98 -15.44 -10.13
C ARG G 55 -23.00 -14.72 -9.20
N GLY G 56 -21.92 -15.41 -8.81
CA GLY G 56 -20.91 -14.74 -8.01
C GLY G 56 -20.25 -13.59 -8.73
N VAL G 57 -19.94 -13.79 -10.01
CA VAL G 57 -19.32 -12.73 -10.80
C VAL G 57 -20.26 -11.52 -10.91
N LEU G 58 -21.54 -11.77 -11.17
CA LEU G 58 -22.50 -10.69 -11.28
C LEU G 58 -22.63 -9.93 -9.96
N LYS G 59 -22.72 -10.63 -8.84
CA LYS G 59 -22.84 -9.97 -7.56
C LYS G 59 -21.59 -9.14 -7.25
N VAL G 60 -20.41 -9.67 -7.55
CA VAL G 60 -19.18 -8.92 -7.32
C VAL G 60 -19.16 -7.66 -8.17
N PHE G 61 -19.58 -7.76 -9.42
CA PHE G 61 -19.61 -6.56 -10.27
C PHE G 61 -20.57 -5.54 -9.71
N LEU G 62 -21.73 -5.98 -9.23
CA LEU G 62 -22.75 -5.03 -8.78
C LEU G 62 -22.36 -4.37 -7.47
N GLU G 63 -21.65 -5.07 -6.59
CA GLU G 63 -21.20 -4.43 -5.35
C GLU G 63 -20.33 -3.22 -5.64
N ASN G 64 -19.40 -3.34 -6.59
CA ASN G 64 -18.44 -2.27 -6.85
C ASN G 64 -19.09 -1.06 -7.48
N VAL G 65 -20.21 -1.23 -8.17
CA VAL G 65 -20.89 -0.08 -8.74
C VAL G 65 -21.88 0.52 -7.75
N ILE G 66 -22.55 -0.30 -6.96
CA ILE G 66 -23.50 0.25 -6.00
C ILE G 66 -22.77 0.95 -4.85
N ARG G 67 -21.59 0.46 -4.46
CA ARG G 67 -20.82 1.16 -3.43
C ARG G 67 -20.53 2.59 -3.85
N ASP G 68 -20.08 2.77 -5.09
CA ASP G 68 -19.80 4.09 -5.63
C ASP G 68 -21.06 4.90 -5.86
N ALA G 69 -22.15 4.28 -6.29
CA ALA G 69 -23.39 5.03 -6.46
C ALA G 69 -23.87 5.60 -5.14
N VAL G 70 -23.80 4.81 -4.07
CA VAL G 70 -24.18 5.31 -2.75
C VAL G 70 -23.19 6.39 -2.28
N THR G 71 -21.90 6.18 -2.51
CA THR G 71 -20.93 7.20 -2.12
C THR G 71 -21.17 8.52 -2.84
N TYR G 72 -21.62 8.45 -4.09
CA TYR G 72 -21.92 9.67 -4.83
C TYR G 72 -23.22 10.30 -4.36
N THR G 73 -24.21 9.51 -3.97
CA THR G 73 -25.48 10.08 -3.51
C THR G 73 -25.34 10.72 -2.14
N GLU G 74 -24.67 10.05 -1.21
CA GLU G 74 -24.48 10.64 0.11
C GLU G 74 -23.84 12.02 0.01
N HIS G 75 -22.81 12.16 -0.82
CA HIS G 75 -22.14 13.45 -0.95
C HIS G 75 -23.12 14.55 -1.31
N ALA G 76 -24.03 14.28 -2.25
CA ALA G 76 -25.05 15.28 -2.56
C ALA G 76 -26.10 15.36 -1.47
N LYS G 77 -25.98 14.55 -0.41
CA LYS G 77 -26.94 14.53 0.70
C LYS G 77 -28.34 14.17 0.23
N ARG G 78 -28.43 13.50 -0.92
CA ARG G 78 -29.69 13.01 -1.44
C ARG G 78 -30.04 11.66 -0.83
N LYS G 79 -31.29 11.25 -1.03
CA LYS G 79 -31.76 9.94 -0.63
C LYS G 79 -31.96 9.00 -1.82
N THR G 80 -32.46 9.50 -2.93
CA THR G 80 -32.54 8.69 -4.13
C THR G 80 -31.14 8.41 -4.67
N VAL G 81 -31.02 7.32 -5.40
CA VAL G 81 -29.82 7.02 -6.16
C VAL G 81 -30.17 7.29 -7.62
N THR G 82 -29.72 8.44 -8.14
CA THR G 82 -30.12 8.86 -9.46
C THR G 82 -29.37 8.08 -10.52
N ALA G 83 -29.77 8.26 -11.78
CA ALA G 83 -29.14 7.55 -12.88
C ALA G 83 -27.74 8.08 -13.15
N MET G 84 -27.59 9.41 -13.18
CA MET G 84 -26.27 9.99 -13.45
C MET G 84 -25.28 9.60 -12.37
N ASP G 85 -25.78 9.33 -11.16
CA ASP G 85 -24.94 8.82 -10.11
C ASP G 85 -24.36 7.45 -10.47
N VAL G 86 -25.18 6.58 -11.05
CA VAL G 86 -24.68 5.28 -11.52
C VAL G 86 -23.72 5.48 -12.68
N VAL G 87 -24.02 6.42 -13.57
CA VAL G 87 -23.14 6.68 -14.70
C VAL G 87 -21.75 7.07 -14.21
N TYR G 88 -21.68 7.96 -13.22
CA TYR G 88 -20.39 8.35 -12.66
C TYR G 88 -19.70 7.16 -11.99
N ALA G 89 -20.44 6.39 -11.20
CA ALA G 89 -19.85 5.23 -10.55
C ALA G 89 -19.27 4.26 -11.56
N LEU G 90 -19.91 4.10 -12.71
CA LEU G 90 -19.40 3.20 -13.75
C LEU G 90 -18.19 3.80 -14.42
N LYS G 91 -18.32 5.03 -14.93
CA LYS G 91 -17.20 5.77 -15.49
C LYS G 91 -15.95 5.63 -14.62
N ARG G 92 -16.12 5.58 -13.31
CA ARG G 92 -14.93 5.51 -12.47
C ARG G 92 -14.26 4.15 -12.63
N GLN G 93 -15.05 3.10 -12.89
CA GLN G 93 -14.54 1.76 -13.08
C GLN G 93 -13.80 1.61 -14.40
N GLY G 94 -13.90 2.59 -15.28
CA GLY G 94 -13.37 2.46 -16.62
C GLY G 94 -14.35 1.90 -17.61
N ARG G 95 -15.63 1.88 -17.30
CA ARG G 95 -16.69 1.35 -18.17
C ARG G 95 -17.69 2.46 -18.45
N THR G 96 -17.39 3.28 -19.45
CA THR G 96 -18.32 4.33 -19.83
C THR G 96 -19.65 3.73 -20.23
N LEU G 97 -20.72 4.52 -20.04
CA LEU G 97 -22.08 4.07 -20.33
C LEU G 97 -22.81 5.23 -20.97
N TYR G 98 -23.35 5.00 -22.15
CA TYR G 98 -24.07 6.03 -22.89
C TYR G 98 -25.57 5.86 -22.71
N GLY G 99 -26.29 6.97 -22.84
CA GLY G 99 -27.74 6.94 -22.85
C GLY G 99 -28.41 7.10 -21.49
N PHE G 100 -27.86 7.96 -20.65
CA PHE G 100 -28.50 8.26 -19.37
C PHE G 100 -28.16 9.69 -18.95
N ALA H 14 -24.31 40.10 -33.46
CA ALA H 14 -24.48 39.90 -34.90
C ALA H 14 -24.00 38.49 -35.29
N LYS H 15 -22.92 38.42 -36.07
CA LYS H 15 -22.44 37.13 -36.56
C LYS H 15 -22.00 36.26 -35.39
N SER H 16 -22.62 35.10 -35.25
CA SER H 16 -22.13 34.11 -34.31
C SER H 16 -20.73 33.68 -34.72
N ARG H 17 -19.93 33.29 -33.74
CA ARG H 17 -18.59 32.83 -34.09
C ARG H 17 -18.64 31.55 -34.92
N SER H 18 -19.65 30.71 -34.71
CA SER H 18 -19.78 29.50 -35.51
C SER H 18 -19.98 29.83 -36.98
N SER H 19 -20.84 30.80 -37.28
CA SER H 19 -21.06 31.16 -38.67
C SER H 19 -19.78 31.66 -39.31
N ARG H 20 -19.05 32.54 -38.63
CA ARG H 20 -17.78 33.02 -39.17
C ARG H 20 -16.83 31.85 -39.42
N ALA H 21 -16.72 30.94 -38.45
CA ALA H 21 -15.82 29.80 -38.62
C ALA H 21 -16.32 28.83 -39.67
N GLY H 22 -17.61 28.90 -40.01
CA GLY H 22 -18.20 27.99 -40.96
C GLY H 22 -18.46 26.63 -40.36
N LEU H 23 -19.15 26.60 -39.21
CA LEU H 23 -19.39 25.39 -38.45
C LEU H 23 -20.87 25.29 -38.12
N GLN H 24 -21.25 24.17 -37.51
CA GLN H 24 -22.58 23.98 -36.97
C GLN H 24 -22.61 23.97 -35.45
N PHE H 25 -21.57 23.45 -34.80
CA PHE H 25 -21.55 23.43 -33.34
C PHE H 25 -21.30 24.83 -32.79
N PRO H 26 -21.68 25.08 -31.54
CA PRO H 26 -21.61 26.44 -30.98
C PRO H 26 -20.20 26.79 -30.51
N VAL H 27 -19.59 27.76 -31.18
CA VAL H 27 -18.28 28.24 -30.73
C VAL H 27 -18.42 28.95 -29.40
N GLY H 28 -19.49 29.73 -29.21
CA GLY H 28 -19.65 30.47 -27.98
C GLY H 28 -19.83 29.56 -26.77
N ARG H 29 -20.71 28.56 -26.90
CA ARG H 29 -20.90 27.65 -25.79
C ARG H 29 -19.65 26.86 -25.48
N VAL H 30 -18.90 26.48 -26.52
CA VAL H 30 -17.66 25.74 -26.29
C VAL H 30 -16.66 26.61 -25.56
N HIS H 31 -16.55 27.88 -25.95
CA HIS H 31 -15.64 28.78 -25.23
C HIS H 31 -16.04 28.93 -23.79
N ARG H 32 -17.33 29.11 -23.54
CA ARG H 32 -17.81 29.28 -22.17
C ARG H 32 -17.58 28.03 -21.33
N LEU H 33 -17.81 26.85 -21.92
CA LEU H 33 -17.56 25.60 -21.20
C LEU H 33 -16.07 25.39 -20.94
N LEU H 34 -15.21 25.88 -21.83
CA LEU H 34 -13.77 25.81 -21.59
C LEU H 34 -13.36 26.76 -20.48
N ARG H 35 -13.94 27.96 -20.44
CA ARG H 35 -13.56 28.95 -19.43
C ARG H 35 -14.04 28.54 -18.05
N LYS H 36 -15.25 28.00 -17.96
CA LYS H 36 -15.86 27.67 -16.67
C LYS H 36 -15.49 26.29 -16.16
N GLY H 37 -14.66 25.54 -16.88
CA GLY H 37 -14.50 24.13 -16.61
C GLY H 37 -13.29 23.75 -15.78
N ASN H 38 -12.49 24.74 -15.39
CA ASN H 38 -11.27 24.50 -14.62
C ASN H 38 -10.25 23.72 -15.44
N TYR H 39 -9.98 24.20 -16.65
CA TYR H 39 -8.98 23.60 -17.53
C TYR H 39 -7.64 24.29 -17.41
N ALA H 40 -7.59 25.60 -17.68
CA ALA H 40 -6.38 26.39 -17.51
C ALA H 40 -6.80 27.82 -17.21
N GLU H 41 -5.85 28.62 -16.72
CA GLU H 41 -6.15 29.98 -16.32
C GLU H 41 -6.79 30.77 -17.46
N ARG H 42 -6.20 30.70 -18.65
CA ARG H 42 -6.70 31.41 -19.81
C ARG H 42 -7.06 30.42 -20.91
N VAL H 43 -7.71 30.93 -21.95
CA VAL H 43 -8.16 30.11 -23.06
C VAL H 43 -8.07 30.94 -24.33
N GLY H 44 -7.18 30.54 -25.24
CA GLY H 44 -6.98 31.28 -26.46
C GLY H 44 -8.24 31.44 -27.27
N ALA H 45 -8.18 32.18 -28.37
CA ALA H 45 -9.36 32.41 -29.20
C ALA H 45 -9.54 31.37 -30.30
N GLY H 46 -8.57 30.48 -30.48
CA GLY H 46 -8.68 29.45 -31.49
C GLY H 46 -9.01 28.09 -30.91
N ALA H 47 -8.93 27.95 -29.58
CA ALA H 47 -9.35 26.69 -28.97
C ALA H 47 -10.82 26.43 -29.17
N PRO H 48 -11.73 27.39 -28.95
CA PRO H 48 -13.15 27.11 -29.21
C PRO H 48 -13.40 26.64 -30.63
N VAL H 49 -12.81 27.30 -31.63
CA VAL H 49 -13.10 26.99 -33.02
C VAL H 49 -12.52 25.62 -33.38
N TYR H 50 -11.28 25.37 -32.95
CA TYR H 50 -10.65 24.08 -33.24
C TYR H 50 -11.44 22.94 -32.61
N LEU H 51 -11.83 23.09 -31.33
CA LEU H 51 -12.50 21.99 -30.66
C LEU H 51 -13.90 21.78 -31.21
N ALA H 52 -14.60 22.86 -31.55
CA ALA H 52 -15.90 22.71 -32.19
C ALA H 52 -15.77 21.98 -33.52
N ALA H 53 -14.75 22.31 -34.30
CA ALA H 53 -14.53 21.61 -35.57
C ALA H 53 -14.26 20.14 -35.37
N VAL H 54 -13.43 19.80 -34.37
CA VAL H 54 -13.13 18.39 -34.11
C VAL H 54 -14.39 17.63 -33.72
N LEU H 55 -15.16 18.20 -32.79
CA LEU H 55 -16.38 17.53 -32.34
C LEU H 55 -17.36 17.35 -33.48
N GLU H 56 -17.51 18.38 -34.31
CA GLU H 56 -18.41 18.27 -35.45
C GLU H 56 -17.96 17.18 -36.41
N TYR H 57 -16.66 17.09 -36.66
CA TYR H 57 -16.15 16.04 -37.53
C TYR H 57 -16.51 14.66 -36.98
N LEU H 58 -16.24 14.44 -35.69
CA LEU H 58 -16.49 13.11 -35.14
C LEU H 58 -17.97 12.75 -35.19
N THR H 59 -18.85 13.68 -34.82
CA THR H 59 -20.27 13.36 -34.85
C THR H 59 -20.76 13.15 -36.27
N ALA H 60 -20.29 13.98 -37.22
CA ALA H 60 -20.70 13.81 -38.60
C ALA H 60 -20.27 12.46 -39.13
N GLU H 61 -19.08 12.00 -38.76
CA GLU H 61 -18.65 10.68 -39.19
C GLU H 61 -19.54 9.59 -38.63
N ILE H 62 -19.82 9.63 -37.33
CA ILE H 62 -20.64 8.56 -36.75
C ILE H 62 -22.03 8.56 -37.36
N LEU H 63 -22.59 9.75 -37.64
CA LEU H 63 -23.89 9.81 -38.28
C LEU H 63 -23.86 9.32 -39.72
N GLU H 64 -22.84 9.70 -40.49
CA GLU H 64 -22.69 9.15 -41.84
C GLU H 64 -22.69 7.63 -41.78
N LEU H 65 -21.99 7.05 -40.82
CA LEU H 65 -21.94 5.59 -40.76
C LEU H 65 -23.29 5.01 -40.35
N ALA H 66 -23.90 5.55 -39.29
CA ALA H 66 -25.12 4.95 -38.74
C ALA H 66 -26.31 5.13 -39.67
N GLY H 67 -26.40 6.25 -40.38
CA GLY H 67 -27.52 6.46 -41.27
C GLY H 67 -27.59 5.46 -42.41
N ASN H 68 -26.43 5.07 -42.95
CA ASN H 68 -26.38 4.05 -43.98
C ASN H 68 -26.24 2.65 -43.42
N ALA H 69 -25.99 2.51 -42.11
CA ALA H 69 -26.19 1.23 -41.46
C ALA H 69 -27.66 0.94 -41.17
N ALA H 70 -28.47 1.99 -40.97
CA ALA H 70 -29.91 1.82 -40.89
C ALA H 70 -30.52 1.53 -42.24
N ARG H 71 -30.00 2.18 -43.29
CA ARG H 71 -30.53 1.98 -44.63
C ARG H 71 -30.42 0.54 -45.09
N ASP H 72 -29.43 -0.21 -44.60
CA ASP H 72 -29.35 -1.63 -44.92
C ASP H 72 -30.56 -2.38 -44.37
N ASN H 73 -30.96 -2.07 -43.14
CA ASN H 73 -32.09 -2.73 -42.49
C ASN H 73 -33.43 -2.19 -42.95
N LYS H 74 -33.43 -1.17 -43.82
CA LYS H 74 -34.62 -0.59 -44.41
C LYS H 74 -35.36 0.34 -43.45
N LYS H 75 -34.86 0.54 -42.24
CA LYS H 75 -35.46 1.45 -41.29
C LYS H 75 -34.98 2.87 -41.57
N THR H 76 -35.92 3.82 -41.58
CA THR H 76 -35.62 5.20 -41.88
C THR H 76 -35.39 6.03 -40.62
N ARG H 77 -34.95 5.40 -39.53
CA ARG H 77 -34.63 6.14 -38.31
C ARG H 77 -33.45 5.45 -37.64
N ILE H 78 -32.66 6.23 -36.91
CA ILE H 78 -31.44 5.75 -36.27
C ILE H 78 -31.74 5.47 -34.81
N ILE H 79 -31.46 4.25 -34.36
CA ILE H 79 -31.74 3.84 -32.99
C ILE H 79 -30.45 3.36 -32.37
N PRO H 80 -30.40 3.10 -31.06
CA PRO H 80 -29.13 2.71 -30.43
C PRO H 80 -28.48 1.51 -31.07
N ARG H 81 -29.29 0.65 -31.68
CA ARG H 81 -28.74 -0.51 -32.38
C ARG H 81 -27.87 -0.11 -33.54
N HIS H 82 -28.32 0.88 -34.33
CA HIS H 82 -27.56 1.29 -35.50
C HIS H 82 -26.26 1.96 -35.11
N LEU H 83 -26.29 2.84 -34.10
CA LEU H 83 -25.06 3.43 -33.61
C LEU H 83 -24.12 2.38 -33.05
N GLN H 84 -24.65 1.40 -32.34
CA GLN H 84 -23.82 0.32 -31.83
C GLN H 84 -23.10 -0.40 -32.97
N LEU H 85 -23.85 -0.77 -34.01
CA LEU H 85 -23.25 -1.47 -35.15
C LEU H 85 -22.23 -0.59 -35.86
N ALA H 86 -22.54 0.68 -36.08
CA ALA H 86 -21.60 1.57 -36.74
C ALA H 86 -20.31 1.72 -35.95
N ILE H 87 -20.40 1.82 -34.62
CA ILE H 87 -19.19 1.87 -33.81
C ILE H 87 -18.42 0.57 -33.93
N ARG H 88 -19.11 -0.57 -33.90
CA ARG H 88 -18.42 -1.85 -33.85
C ARG H 88 -17.92 -2.32 -35.21
N ASN H 89 -18.26 -1.65 -36.30
CA ASN H 89 -17.77 -2.04 -37.62
C ASN H 89 -16.52 -1.26 -38.02
N ASP H 90 -16.59 0.07 -38.04
CA ASP H 90 -15.45 0.87 -38.44
C ASP H 90 -14.25 0.52 -37.57
N GLU H 91 -13.09 0.30 -38.21
CA GLU H 91 -11.91 -0.06 -37.45
C GLU H 91 -11.41 1.10 -36.60
N GLU H 92 -11.69 2.33 -37.00
CA GLU H 92 -11.18 3.50 -36.30
C GLU H 92 -12.06 3.87 -35.10
N LEU H 93 -13.36 4.03 -35.32
CA LEU H 93 -14.26 4.35 -34.22
C LEU H 93 -14.47 3.18 -33.27
N ASN H 94 -14.09 1.96 -33.67
CA ASN H 94 -14.16 0.84 -32.75
C ASN H 94 -13.07 0.91 -31.69
N LYS H 95 -11.94 1.55 -31.99
CA LYS H 95 -10.86 1.68 -31.03
C LYS H 95 -10.98 2.97 -30.22
N LEU H 96 -11.54 4.02 -30.80
CA LEU H 96 -11.82 5.23 -30.04
C LEU H 96 -12.93 4.98 -29.03
N LEU H 97 -14.03 4.37 -29.48
CA LEU H 97 -15.20 4.12 -28.65
C LEU H 97 -15.30 2.67 -28.22
N GLY H 98 -14.17 2.03 -27.98
CA GLY H 98 -14.17 0.79 -27.24
C GLY H 98 -14.34 1.09 -25.76
N ARG H 99 -14.40 0.04 -24.96
CA ARG H 99 -14.59 0.17 -23.53
C ARG H 99 -15.89 0.90 -23.19
N VAL H 100 -16.79 1.03 -24.14
CA VAL H 100 -18.00 1.84 -24.00
C VAL H 100 -19.22 0.93 -24.16
N THR H 101 -20.20 1.11 -23.28
CA THR H 101 -21.49 0.44 -23.38
C THR H 101 -22.51 1.41 -23.97
N ILE H 102 -23.56 0.86 -24.56
CA ILE H 102 -24.64 1.65 -25.11
C ILE H 102 -25.98 1.06 -24.68
N ALA H 103 -26.92 1.92 -24.36
CA ALA H 103 -28.25 1.49 -23.92
C ALA H 103 -29.00 0.87 -25.08
N GLN H 104 -29.38 -0.40 -24.92
CA GLN H 104 -30.15 -1.10 -25.95
C GLN H 104 -29.39 -1.18 -27.26
N GLY H 105 -28.06 -1.24 -27.17
CA GLY H 105 -27.25 -1.42 -28.36
C GLY H 105 -27.22 -2.87 -28.79
N GLY H 106 -27.38 -3.77 -27.83
CA GLY H 106 -27.44 -5.19 -28.12
C GLY H 106 -26.31 -5.70 -28.98
N GLU I 35 -28.61 22.04 -20.67
CA GLU I 35 -28.47 22.26 -22.09
C GLU I 35 -28.02 20.97 -22.78
N SER I 36 -28.11 20.96 -24.10
CA SER I 36 -27.80 19.76 -24.85
C SER I 36 -27.38 20.14 -26.27
N TYR I 37 -26.58 19.29 -26.87
CA TYR I 37 -26.22 19.43 -28.27
C TYR I 37 -27.29 18.89 -29.21
N SER I 38 -28.48 18.59 -28.69
CA SER I 38 -29.51 17.93 -29.46
C SER I 38 -30.00 18.75 -30.64
N VAL I 39 -29.71 20.05 -30.66
CA VAL I 39 -30.07 20.90 -31.78
C VAL I 39 -29.00 20.89 -32.86
N TYR I 40 -27.74 20.75 -32.44
CA TYR I 40 -26.63 20.89 -33.39
C TYR I 40 -26.40 19.56 -34.09
N VAL I 41 -26.52 18.47 -33.33
CA VAL I 41 -26.45 17.13 -33.90
C VAL I 41 -27.53 16.95 -34.95
N TYR I 42 -28.71 17.53 -34.72
CA TYR I 42 -29.77 17.41 -35.71
C TYR I 42 -29.42 18.15 -36.99
N LYS I 43 -28.80 19.32 -36.88
CA LYS I 43 -28.33 20.04 -38.06
C LYS I 43 -27.26 19.26 -38.81
N VAL I 44 -26.36 18.60 -38.09
CA VAL I 44 -25.34 17.78 -38.76
C VAL I 44 -25.98 16.60 -39.48
N LEU I 45 -26.96 15.96 -38.83
CA LEU I 45 -27.69 14.87 -39.48
C LEU I 45 -28.40 15.36 -40.73
N LYS I 46 -28.98 16.56 -40.68
CA LYS I 46 -29.76 17.05 -41.79
C LYS I 46 -28.95 17.19 -43.08
N GLN I 47 -27.62 17.22 -43.00
CA GLN I 47 -26.77 17.25 -44.17
C GLN I 47 -26.05 15.93 -44.41
N VAL I 48 -25.61 15.25 -43.36
CA VAL I 48 -24.97 13.95 -43.54
C VAL I 48 -25.95 12.89 -44.01
N HIS I 49 -27.22 12.99 -43.61
CA HIS I 49 -28.26 12.06 -44.05
C HIS I 49 -29.58 12.80 -44.11
N PRO I 50 -29.79 13.62 -45.14
CA PRO I 50 -30.89 14.60 -45.08
C PRO I 50 -32.26 13.98 -44.89
N ASP I 51 -32.47 12.73 -45.30
CA ASP I 51 -33.77 12.10 -45.20
C ASP I 51 -33.92 11.20 -43.97
N THR I 52 -32.82 10.85 -43.30
CA THR I 52 -32.89 10.01 -42.13
C THR I 52 -33.16 10.85 -40.89
N GLY I 53 -33.85 10.25 -39.92
CA GLY I 53 -34.08 10.85 -38.63
C GLY I 53 -33.45 10.02 -37.52
N ILE I 54 -33.54 10.56 -36.31
CA ILE I 54 -32.92 9.94 -35.15
C ILE I 54 -33.93 9.92 -34.01
N SER I 55 -33.99 8.79 -33.31
CA SER I 55 -34.91 8.66 -32.20
C SER I 55 -34.47 9.56 -31.04
N SER I 56 -35.23 9.49 -29.94
CA SER I 56 -34.87 10.26 -28.76
C SER I 56 -33.69 9.63 -28.03
N LYS I 57 -33.69 8.31 -27.86
CA LYS I 57 -32.62 7.64 -27.13
C LYS I 57 -31.32 7.63 -27.90
N ALA I 58 -31.37 7.55 -29.24
CA ALA I 58 -30.17 7.73 -30.02
C ALA I 58 -29.60 9.13 -29.85
N MET I 59 -30.45 10.15 -29.83
CA MET I 59 -29.96 11.51 -29.59
C MET I 59 -29.35 11.64 -28.20
N GLY I 60 -29.93 10.93 -27.23
CA GLY I 60 -29.44 10.95 -25.87
C GLY I 60 -28.01 10.46 -25.83
N ILE I 61 -27.73 9.40 -26.58
CA ILE I 61 -26.40 8.83 -26.65
C ILE I 61 -25.49 9.77 -27.42
N MET I 62 -26.05 10.43 -28.44
CA MET I 62 -25.30 11.38 -29.25
C MET I 62 -24.75 12.48 -28.34
N ASN I 63 -25.59 12.93 -27.41
CA ASN I 63 -25.19 13.96 -26.46
C ASN I 63 -24.15 13.43 -25.49
N SER I 64 -24.34 12.20 -25.01
CA SER I 64 -23.31 11.59 -24.18
C SER I 64 -21.98 11.48 -24.91
N PHE I 65 -22.03 11.09 -26.18
CA PHE I 65 -20.79 10.92 -26.95
C PHE I 65 -20.06 12.25 -27.09
N VAL I 66 -20.78 13.32 -27.42
CA VAL I 66 -20.14 14.61 -27.59
C VAL I 66 -19.56 15.11 -26.27
N ASN I 67 -20.29 14.91 -25.18
CA ASN I 67 -19.76 15.32 -23.89
C ASN I 67 -18.48 14.55 -23.55
N ASP I 68 -18.46 13.25 -23.84
CA ASP I 68 -17.26 12.46 -23.56
C ASP I 68 -16.08 12.95 -24.38
N ILE I 69 -16.28 13.18 -25.67
CA ILE I 69 -15.18 13.63 -26.52
C ILE I 69 -14.68 14.99 -26.06
N PHE I 70 -15.59 15.90 -25.73
CA PHE I 70 -15.17 17.20 -25.23
C PHE I 70 -14.34 17.05 -23.97
N GLU I 71 -14.83 16.27 -23.00
CA GLU I 71 -14.13 16.14 -21.74
C GLU I 71 -12.81 15.40 -21.89
N ARG I 72 -12.62 14.65 -22.96
CA ARG I 72 -11.32 14.01 -23.19
C ARG I 72 -10.33 14.94 -23.87
N ILE I 73 -10.75 15.59 -24.96
CA ILE I 73 -9.83 16.48 -25.67
C ILE I 73 -9.46 17.68 -24.80
N ALA I 74 -10.44 18.30 -24.14
CA ALA I 74 -10.13 19.45 -23.31
C ALA I 74 -9.27 19.05 -22.10
N GLY I 75 -9.55 17.89 -21.52
CA GLY I 75 -8.77 17.43 -20.40
C GLY I 75 -7.39 16.94 -20.77
N GLU I 76 -7.14 16.69 -22.06
CA GLU I 76 -5.78 16.44 -22.51
C GLU I 76 -5.03 17.72 -22.85
N ALA I 77 -5.73 18.70 -23.44
CA ALA I 77 -5.11 20.00 -23.68
C ALA I 77 -4.72 20.66 -22.37
N SER I 78 -5.53 20.48 -21.33
CA SER I 78 -5.19 21.04 -20.03
C SER I 78 -3.85 20.52 -19.53
N ARG I 79 -3.64 19.21 -19.61
CA ARG I 79 -2.36 18.63 -19.19
C ARG I 79 -1.22 19.02 -20.12
N LEU I 80 -1.49 19.18 -21.42
CA LEU I 80 -0.45 19.65 -22.33
C LEU I 80 0.03 21.04 -21.93
N ALA I 81 -0.90 21.95 -21.63
CA ALA I 81 -0.51 23.27 -21.18
C ALA I 81 0.22 23.21 -19.84
N HIS I 82 -0.25 22.39 -18.91
CA HIS I 82 0.40 22.31 -17.63
C HIS I 82 1.81 21.76 -17.73
N TYR I 83 2.04 20.81 -18.65
CA TYR I 83 3.36 20.21 -18.77
C TYR I 83 4.40 21.25 -19.17
N ASN I 84 4.04 22.13 -20.09
CA ASN I 84 4.94 23.15 -20.60
C ASN I 84 4.93 24.41 -19.77
N LYS I 85 4.35 24.37 -18.58
CA LYS I 85 4.31 25.52 -17.68
C LYS I 85 3.71 26.74 -18.37
N ARG I 86 2.68 26.50 -19.16
CA ARG I 86 1.92 27.57 -19.79
C ARG I 86 0.60 27.76 -19.06
N SER I 87 -0.01 28.93 -19.26
CA SER I 87 -1.20 29.34 -18.55
C SER I 87 -2.36 29.63 -19.49
N THR I 88 -2.43 28.95 -20.63
CA THR I 88 -3.46 29.23 -21.62
C THR I 88 -3.64 27.99 -22.49
N ILE I 89 -4.89 27.70 -22.83
CA ILE I 89 -5.23 26.66 -23.80
C ILE I 89 -5.33 27.34 -25.15
N THR I 90 -4.47 26.93 -26.08
CA THR I 90 -4.43 27.50 -27.42
C THR I 90 -4.76 26.42 -28.45
N SER I 91 -5.08 26.87 -29.67
CA SER I 91 -5.47 25.92 -30.70
C SER I 91 -4.36 24.92 -30.97
N ARG I 92 -3.12 25.32 -30.80
CA ARG I 92 -1.99 24.44 -30.96
C ARG I 92 -1.92 23.37 -29.89
N GLU I 93 -2.71 23.42 -28.83
CA GLU I 93 -2.82 22.33 -27.88
C GLU I 93 -4.04 21.46 -28.07
N ILE I 94 -5.16 22.03 -28.51
CA ILE I 94 -6.24 21.18 -29.01
C ILE I 94 -5.70 20.29 -30.11
N GLN I 95 -4.80 20.83 -30.94
CA GLN I 95 -4.26 20.03 -32.05
C GLN I 95 -3.43 18.86 -31.54
N THR I 96 -2.57 19.10 -30.56
CA THR I 96 -1.76 18.02 -30.02
C THR I 96 -2.60 17.02 -29.25
N ALA I 97 -3.64 17.48 -28.56
CA ALA I 97 -4.54 16.56 -27.88
C ALA I 97 -5.29 15.70 -28.88
N VAL I 98 -5.73 16.28 -29.99
CA VAL I 98 -6.38 15.50 -31.04
C VAL I 98 -5.43 14.43 -31.55
N ARG I 99 -4.20 14.83 -31.87
CA ARG I 99 -3.24 13.86 -32.41
C ARG I 99 -2.92 12.76 -31.40
N LEU I 100 -2.92 13.08 -30.11
CA LEU I 100 -2.64 12.07 -29.09
C LEU I 100 -3.82 11.15 -28.85
N LEU I 101 -5.05 11.64 -29.03
CA LEU I 101 -6.24 10.87 -28.69
C LEU I 101 -6.78 10.08 -29.86
N LEU I 102 -7.15 10.76 -30.94
CA LEU I 102 -7.75 10.09 -32.08
C LEU I 102 -6.72 9.14 -32.72
N PRO I 103 -7.13 7.93 -33.08
CA PRO I 103 -6.18 6.99 -33.69
C PRO I 103 -6.18 7.02 -35.21
N GLY I 104 -4.99 6.93 -35.80
CA GLY I 104 -4.89 6.71 -37.23
C GLY I 104 -5.54 7.80 -38.05
N GLU I 105 -6.23 7.39 -39.12
CA GLU I 105 -6.75 8.30 -40.12
C GLU I 105 -7.85 9.21 -39.60
N LEU I 106 -8.37 8.94 -38.41
CA LEU I 106 -9.22 9.93 -37.75
C LEU I 106 -8.42 11.18 -37.43
N ALA I 107 -7.30 11.03 -36.72
CA ALA I 107 -6.50 12.19 -36.36
C ALA I 107 -6.15 13.00 -37.58
N LYS I 108 -5.57 12.36 -38.60
CA LYS I 108 -5.15 13.08 -39.80
C LYS I 108 -6.28 13.87 -40.41
N HIS I 109 -7.52 13.41 -40.28
CA HIS I 109 -8.65 14.18 -40.78
C HIS I 109 -9.08 15.24 -39.78
N ALA I 110 -9.20 14.88 -38.51
CA ALA I 110 -9.68 15.85 -37.53
C ALA I 110 -8.85 17.12 -37.57
N VAL I 111 -7.53 16.97 -37.44
CA VAL I 111 -6.63 18.11 -37.52
C VAL I 111 -7.01 18.99 -38.69
N SER I 112 -7.14 18.42 -39.89
CA SER I 112 -7.44 19.23 -41.06
C SER I 112 -8.73 20.01 -40.86
N GLU I 113 -9.81 19.32 -40.50
CA GLU I 113 -11.09 20.00 -40.39
C GLU I 113 -11.07 21.01 -39.26
N GLY I 114 -10.11 20.89 -38.34
CA GLY I 114 -9.91 21.91 -37.35
C GLY I 114 -9.19 23.09 -37.95
N THR I 115 -8.03 22.82 -38.57
CA THR I 115 -7.19 23.90 -39.09
C THR I 115 -7.97 24.80 -40.02
N LYS I 116 -8.70 24.21 -40.97
CA LYS I 116 -9.50 25.00 -41.89
C LYS I 116 -10.37 25.99 -41.14
N ALA I 117 -11.09 25.51 -40.12
CA ALA I 117 -11.96 26.40 -39.37
C ALA I 117 -11.19 27.59 -38.81
N VAL I 118 -10.03 27.33 -38.19
CA VAL I 118 -9.29 28.46 -37.63
C VAL I 118 -8.86 29.39 -38.74
N THR I 119 -8.39 28.85 -39.87
CA THR I 119 -8.00 29.70 -40.98
C THR I 119 -9.20 30.48 -41.50
N LYS I 120 -10.40 29.92 -41.37
CA LYS I 120 -11.61 30.64 -41.74
C LYS I 120 -11.96 31.70 -40.70
N TYR I 121 -11.69 31.41 -39.43
CA TYR I 121 -12.10 32.31 -38.36
C TYR I 121 -11.17 33.52 -38.27
N THR I 122 -9.87 33.28 -38.17
CA THR I 122 -8.93 34.38 -38.07
C THR I 122 -8.91 35.24 -39.32
N SER I 123 -9.48 34.74 -40.42
CA SER I 123 -9.51 35.48 -41.67
C SER I 123 -10.68 36.45 -41.77
N SER I 124 -11.53 36.52 -40.74
CA SER I 124 -12.67 37.42 -40.75
C SER I 124 -12.61 38.39 -39.58
N SER J 57 -30.97 -8.98 -32.05
CA SER J 57 -31.47 -7.63 -31.80
C SER J 57 -31.12 -7.19 -30.38
N THR J 58 -31.64 -6.03 -29.97
CA THR J 58 -31.17 -5.31 -28.79
C THR J 58 -32.31 -5.18 -27.77
N GLU J 59 -32.39 -6.15 -26.87
CA GLU J 59 -33.32 -6.11 -25.74
C GLU J 59 -32.69 -6.84 -24.57
N LEU J 60 -33.18 -6.58 -23.36
CA LEU J 60 -32.56 -7.15 -22.17
C LEU J 60 -32.80 -8.64 -22.10
N LEU J 61 -31.98 -9.30 -21.28
CA LEU J 61 -32.00 -10.76 -21.15
C LEU J 61 -32.24 -11.24 -19.73
N ILE J 62 -32.07 -10.40 -18.72
CA ILE J 62 -32.48 -10.72 -17.36
C ILE J 62 -33.90 -10.20 -17.17
N ARG J 63 -34.57 -10.72 -16.14
CA ARG J 63 -35.91 -10.27 -15.80
C ARG J 63 -35.82 -9.06 -14.87
N LYS J 64 -36.72 -8.10 -15.06
CA LYS J 64 -36.54 -6.79 -14.45
C LYS J 64 -36.82 -6.80 -12.96
N LEU J 65 -37.88 -7.46 -12.51
CA LEU J 65 -38.22 -7.39 -11.09
C LEU J 65 -37.22 -8.18 -10.26
N PRO J 66 -36.86 -9.41 -10.64
CA PRO J 66 -35.82 -10.11 -9.88
C PRO J 66 -34.52 -9.33 -9.80
N PHE J 67 -34.11 -8.67 -10.88
CA PHE J 67 -32.88 -7.90 -10.85
C PHE J 67 -33.02 -6.68 -9.96
N GLN J 68 -34.17 -6.02 -10.01
CA GLN J 68 -34.39 -4.87 -9.12
C GLN J 68 -34.30 -5.28 -7.66
N ARG J 69 -34.92 -6.41 -7.32
CA ARG J 69 -34.83 -6.89 -5.95
C ARG J 69 -33.38 -7.20 -5.59
N LEU J 70 -32.63 -7.78 -6.51
CA LEU J 70 -31.21 -8.04 -6.27
C LEU J 70 -30.46 -6.74 -6.00
N VAL J 71 -30.72 -5.72 -6.82
CA VAL J 71 -30.02 -4.44 -6.69
C VAL J 71 -30.33 -3.83 -5.32
N ARG J 72 -31.59 -3.83 -4.92
CA ARG J 72 -31.95 -3.25 -3.64
C ARG J 72 -31.35 -4.03 -2.48
N GLU J 73 -31.32 -5.35 -2.58
CA GLU J 73 -30.68 -6.14 -1.53
C GLU J 73 -29.21 -5.81 -1.39
N ILE J 74 -28.50 -5.69 -2.52
CA ILE J 74 -27.08 -5.38 -2.44
C ILE J 74 -26.87 -3.98 -1.88
N ALA J 75 -27.74 -3.04 -2.26
CA ALA J 75 -27.56 -1.66 -1.83
C ALA J 75 -27.83 -1.47 -0.35
N GLN J 76 -28.81 -2.19 0.22
CA GLN J 76 -29.12 -1.96 1.63
C GLN J 76 -27.94 -2.30 2.54
N ASP J 77 -26.95 -3.02 2.03
CA ASP J 77 -25.73 -3.30 2.79
C ASP J 77 -24.84 -2.07 2.96
N PHE J 78 -25.13 -0.97 2.27
CA PHE J 78 -24.35 0.25 2.35
C PHE J 78 -25.10 1.39 3.04
N LYS J 79 -26.32 1.69 2.58
CA LYS J 79 -27.17 2.69 3.20
C LYS J 79 -28.39 1.99 3.79
N THR J 80 -28.68 2.25 5.06
CA THR J 80 -29.68 1.47 5.77
C THR J 80 -31.05 1.56 5.12
N ASP J 81 -31.46 2.77 4.73
CA ASP J 81 -32.77 2.97 4.09
C ASP J 81 -32.58 3.85 2.88
N LEU J 82 -32.91 3.31 1.70
CA LEU J 82 -32.52 3.92 0.44
C LEU J 82 -33.66 3.79 -0.57
N ARG J 83 -33.54 4.53 -1.66
CA ARG J 83 -34.47 4.41 -2.76
C ARG J 83 -33.77 4.81 -4.04
N PHE J 84 -34.19 4.20 -5.14
CA PHE J 84 -33.55 4.36 -6.44
C PHE J 84 -34.51 5.02 -7.41
N GLN J 85 -33.97 5.80 -8.33
CA GLN J 85 -34.77 6.25 -9.46
C GLN J 85 -35.18 5.03 -10.28
N SER J 86 -36.09 5.25 -11.22
CA SER J 86 -36.45 4.18 -12.15
C SER J 86 -35.37 3.95 -13.19
N ALA J 87 -34.58 4.97 -13.51
CA ALA J 87 -33.49 4.85 -14.49
C ALA J 87 -32.16 4.50 -13.85
N ALA J 88 -32.06 4.50 -12.52
CA ALA J 88 -30.83 4.08 -11.88
C ALA J 88 -30.71 2.58 -11.76
N ILE J 89 -31.75 1.84 -12.13
CA ILE J 89 -31.67 0.40 -12.22
C ILE J 89 -31.78 -0.09 -13.66
N GLY J 90 -32.50 0.63 -14.51
CA GLY J 90 -32.40 0.37 -15.93
C GLY J 90 -31.03 0.60 -16.51
N ALA J 91 -30.18 1.35 -15.82
CA ALA J 91 -28.79 1.54 -16.19
C ALA J 91 -27.86 0.54 -15.54
N LEU J 92 -28.08 0.26 -14.26
CA LEU J 92 -27.26 -0.74 -13.58
C LEU J 92 -27.43 -2.11 -14.22
N GLN J 93 -28.68 -2.51 -14.50
CA GLN J 93 -28.92 -3.76 -15.20
C GLN J 93 -28.37 -3.73 -16.62
N GLU J 94 -28.63 -2.63 -17.33
CA GLU J 94 -28.22 -2.52 -18.72
C GLU J 94 -26.72 -2.55 -18.90
N ALA J 95 -25.96 -2.12 -17.90
CA ALA J 95 -24.50 -2.23 -17.94
C ALA J 95 -24.01 -3.58 -17.42
N SER J 96 -24.67 -4.14 -16.41
CA SER J 96 -24.31 -5.43 -15.88
C SER J 96 -24.52 -6.56 -16.88
N GLU J 97 -25.50 -6.44 -17.78
CA GLU J 97 -25.67 -7.45 -18.81
C GLU J 97 -24.54 -7.40 -19.82
N ALA J 98 -24.11 -6.20 -20.22
CA ALA J 98 -22.99 -6.08 -21.15
C ALA J 98 -21.70 -6.61 -20.54
N TYR J 99 -21.50 -6.37 -19.24
CA TYR J 99 -20.33 -6.95 -18.59
C TYR J 99 -20.28 -8.46 -18.75
N LEU J 100 -21.41 -9.15 -18.53
CA LEU J 100 -21.41 -10.60 -18.60
C LEU J 100 -21.38 -11.10 -20.04
N VAL J 101 -22.00 -10.38 -20.97
CA VAL J 101 -21.87 -10.76 -22.37
C VAL J 101 -20.40 -10.74 -22.78
N GLY J 102 -19.69 -9.67 -22.41
CA GLY J 102 -18.28 -9.59 -22.70
C GLY J 102 -17.45 -10.65 -22.00
N LEU J 103 -17.78 -10.95 -20.75
CA LEU J 103 -17.06 -12.01 -20.04
C LEU J 103 -17.23 -13.36 -20.71
N PHE J 104 -18.44 -13.67 -21.19
CA PHE J 104 -18.65 -14.90 -21.94
C PHE J 104 -17.94 -14.88 -23.29
N GLU J 105 -17.91 -13.74 -23.98
CA GLU J 105 -17.12 -13.67 -25.21
C GLU J 105 -15.66 -14.02 -24.94
N ASP J 106 -15.08 -13.46 -23.88
CA ASP J 106 -13.67 -13.70 -23.59
C ASP J 106 -13.41 -15.05 -22.93
N THR J 107 -14.42 -15.71 -22.37
CA THR J 107 -14.23 -17.04 -21.80
C THR J 107 -14.58 -18.16 -22.76
N ASN J 108 -15.19 -17.85 -23.90
CA ASN J 108 -15.32 -18.85 -24.96
C ASN J 108 -13.97 -19.18 -25.55
N LEU J 109 -13.10 -18.19 -25.69
CA LEU J 109 -11.76 -18.41 -26.24
C LEU J 109 -10.88 -19.24 -25.30
N CYS J 110 -11.03 -19.04 -24.00
CA CYS J 110 -10.24 -19.81 -23.05
C CYS J 110 -10.65 -21.28 -23.01
N ALA J 111 -11.77 -21.64 -23.62
CA ALA J 111 -12.16 -23.04 -23.81
C ALA J 111 -11.82 -23.56 -25.19
N ILE J 112 -12.01 -22.74 -26.23
CA ILE J 112 -11.51 -23.10 -27.56
C ILE J 112 -10.01 -23.39 -27.47
N HIS J 113 -9.28 -22.53 -26.77
CA HIS J 113 -7.85 -22.73 -26.56
C HIS J 113 -7.56 -24.12 -26.03
N ALA J 114 -8.35 -24.57 -25.06
CA ALA J 114 -8.11 -25.84 -24.38
C ALA J 114 -8.73 -27.02 -25.10
N LYS J 115 -9.17 -26.84 -26.34
CA LYS J 115 -9.74 -27.92 -27.15
C LYS J 115 -11.05 -28.43 -26.54
N ARG J 116 -11.96 -27.49 -26.28
CA ARG J 116 -13.27 -27.81 -25.72
C ARG J 116 -14.31 -26.96 -26.41
N VAL J 117 -15.57 -27.28 -26.13
CA VAL J 117 -16.69 -26.49 -26.62
C VAL J 117 -17.52 -26.03 -25.43
N THR J 118 -17.43 -26.78 -24.32
CA THR J 118 -18.20 -26.47 -23.12
C THR J 118 -17.37 -25.57 -22.22
N ILE J 119 -17.79 -24.31 -22.07
CA ILE J 119 -17.16 -23.44 -21.10
C ILE J 119 -17.38 -24.01 -19.70
N MET J 120 -16.37 -23.88 -18.85
CA MET J 120 -16.34 -24.50 -17.54
C MET J 120 -16.08 -23.43 -16.48
N PRO J 121 -16.35 -23.74 -15.21
CA PRO J 121 -16.02 -22.78 -14.15
C PRO J 121 -14.54 -22.52 -13.98
N LYS J 122 -13.68 -23.11 -14.82
CA LYS J 122 -12.25 -22.89 -14.74
C LYS J 122 -11.72 -21.95 -15.81
N ASP J 123 -12.41 -21.80 -16.93
CA ASP J 123 -12.00 -20.83 -17.94
C ASP J 123 -12.90 -19.59 -17.94
N ILE J 124 -13.67 -19.40 -16.88
CA ILE J 124 -14.20 -18.08 -16.56
C ILE J 124 -13.31 -17.38 -15.56
N GLN J 125 -12.62 -18.16 -14.73
CA GLN J 125 -11.61 -17.62 -13.84
C GLN J 125 -10.32 -17.27 -14.56
N LEU J 126 -10.17 -17.61 -15.84
CA LEU J 126 -9.01 -17.23 -16.61
C LEU J 126 -9.22 -15.93 -17.38
N ALA J 127 -10.39 -15.72 -17.98
CA ALA J 127 -10.67 -14.42 -18.54
C ALA J 127 -10.68 -13.33 -17.48
N ARG J 128 -10.82 -13.69 -16.21
CA ARG J 128 -10.79 -12.74 -15.10
C ARG J 128 -9.42 -12.63 -14.45
N ARG J 129 -8.67 -13.71 -14.39
CA ARG J 129 -7.29 -13.64 -13.92
C ARG J 129 -6.44 -12.79 -14.85
N ILE J 130 -6.68 -12.90 -16.16
CA ILE J 130 -5.87 -12.21 -17.14
C ILE J 130 -6.29 -10.75 -17.31
N ARG J 131 -7.54 -10.43 -17.00
CA ARG J 131 -8.04 -9.07 -17.17
C ARG J 131 -7.83 -8.19 -15.94
N GLY J 132 -7.20 -8.73 -14.89
CA GLY J 132 -6.89 -7.96 -13.71
C GLY J 132 -7.94 -8.04 -12.61
N GLU J 133 -9.16 -8.45 -12.94
CA GLU J 133 -10.21 -8.57 -11.94
C GLU J 133 -9.93 -9.68 -10.94
N ARG J 134 -8.99 -10.57 -11.22
CA ARG J 134 -8.64 -11.65 -10.31
C ARG J 134 -7.16 -11.99 -10.45
N ASP K 24 17.05 -5.60 -39.14
CA ASP K 24 17.89 -4.48 -38.76
C ASP K 24 18.30 -4.62 -37.30
N ASN K 25 17.94 -3.64 -36.47
CA ASN K 25 18.31 -3.64 -35.06
C ASN K 25 17.37 -4.46 -34.20
N ILE K 26 16.20 -4.84 -34.73
CA ILE K 26 15.30 -5.68 -33.97
C ILE K 26 15.96 -7.01 -33.63
N GLN K 27 16.77 -7.55 -34.54
CA GLN K 27 17.45 -8.80 -34.26
C GLN K 27 18.44 -8.67 -33.11
N GLY K 28 18.77 -7.44 -32.71
CA GLY K 28 19.53 -7.26 -31.49
C GLY K 28 18.80 -7.74 -30.26
N ILE K 29 17.49 -7.98 -30.38
CA ILE K 29 16.70 -8.56 -29.29
C ILE K 29 16.87 -10.07 -29.44
N THR K 30 17.93 -10.58 -28.83
CA THR K 30 18.39 -11.93 -29.11
C THR K 30 17.42 -12.97 -28.53
N LYS K 31 17.79 -14.24 -28.69
CA LYS K 31 17.03 -15.33 -28.14
C LYS K 31 17.33 -15.50 -26.65
N PRO K 32 18.60 -15.43 -26.23
CA PRO K 32 18.88 -15.49 -24.79
C PRO K 32 18.21 -14.36 -24.01
N ALA K 33 18.06 -13.17 -24.60
CA ALA K 33 17.39 -12.08 -23.91
C ALA K 33 15.92 -12.42 -23.65
N ILE K 34 15.23 -12.89 -24.68
CA ILE K 34 13.82 -13.23 -24.53
C ILE K 34 13.66 -14.40 -23.58
N ARG K 35 14.60 -15.34 -23.60
CA ARG K 35 14.56 -16.44 -22.64
C ARG K 35 14.74 -15.94 -21.21
N ARG K 36 15.62 -14.96 -21.00
CA ARG K 36 15.77 -14.38 -19.67
C ARG K 36 14.47 -13.70 -19.23
N LEU K 37 13.85 -12.94 -20.12
CA LEU K 37 12.57 -12.32 -19.77
C LEU K 37 11.54 -13.39 -19.43
N ALA K 38 11.49 -14.47 -20.21
CA ALA K 38 10.55 -15.55 -19.95
C ALA K 38 10.80 -16.18 -18.58
N ARG K 39 12.06 -16.43 -18.25
CA ARG K 39 12.36 -17.00 -16.95
C ARG K 39 11.95 -16.06 -15.83
N ARG K 40 12.09 -14.75 -16.03
CA ARG K 40 11.58 -13.81 -15.03
C ARG K 40 10.06 -13.86 -14.93
N GLY K 41 9.39 -14.10 -16.06
CA GLY K 41 7.95 -14.20 -16.09
C GLY K 41 7.37 -15.55 -15.72
N GLY K 42 8.21 -16.52 -15.36
CA GLY K 42 7.76 -17.81 -14.87
C GLY K 42 7.78 -18.93 -15.90
N VAL K 43 7.96 -18.61 -17.18
CA VAL K 43 7.86 -19.62 -18.23
C VAL K 43 8.98 -20.64 -18.09
N LYS K 44 8.64 -21.92 -18.26
CA LYS K 44 9.56 -23.02 -18.00
C LYS K 44 10.12 -23.67 -19.25
N ARG K 45 9.32 -23.76 -20.31
CA ARG K 45 9.79 -24.24 -21.61
C ARG K 45 9.22 -23.33 -22.68
N ILE K 46 9.99 -23.12 -23.73
CA ILE K 46 9.69 -22.07 -24.71
C ILE K 46 9.76 -22.68 -26.09
N SER K 47 8.64 -22.64 -26.82
CA SER K 47 8.61 -23.07 -28.21
C SER K 47 9.63 -22.29 -29.02
N GLY K 48 10.00 -22.80 -30.20
CA GLY K 48 10.99 -22.12 -31.00
C GLY K 48 10.47 -20.90 -31.73
N LEU K 49 9.16 -20.85 -31.97
CA LEU K 49 8.56 -19.73 -32.68
C LEU K 49 8.20 -18.57 -31.76
N ILE K 50 8.50 -18.69 -30.47
CA ILE K 50 8.21 -17.61 -29.53
C ILE K 50 9.01 -16.37 -29.87
N TYR K 51 10.29 -16.53 -30.18
CA TYR K 51 11.17 -15.37 -30.30
C TYR K 51 10.73 -14.46 -31.44
N GLU K 52 10.56 -15.00 -32.64
CA GLU K 52 10.07 -14.17 -33.73
C GLU K 52 8.69 -13.64 -33.44
N GLU K 53 7.95 -14.28 -32.52
CA GLU K 53 6.65 -13.78 -32.09
C GLU K 53 6.78 -12.64 -31.10
N THR K 54 7.80 -12.68 -30.24
CA THR K 54 7.98 -11.61 -29.26
C THR K 54 8.58 -10.36 -29.88
N ARG K 55 9.44 -10.52 -30.89
CA ARG K 55 10.03 -9.35 -31.53
C ARG K 55 8.97 -8.50 -32.21
N GLY K 56 7.89 -9.11 -32.67
CA GLY K 56 6.78 -8.36 -33.21
C GLY K 56 5.85 -7.79 -32.19
N VAL K 57 5.96 -8.24 -30.94
CA VAL K 57 5.15 -7.69 -29.87
C VAL K 57 5.82 -6.45 -29.28
N LEU K 58 7.10 -6.57 -28.92
CA LEU K 58 7.85 -5.43 -28.40
C LEU K 58 7.83 -4.27 -29.39
N LYS K 59 8.12 -4.55 -30.65
CA LYS K 59 8.12 -3.47 -31.64
C LYS K 59 6.75 -2.86 -31.84
N VAL K 60 5.68 -3.56 -31.44
CA VAL K 60 4.36 -2.94 -31.47
C VAL K 60 4.16 -2.08 -30.23
N PHE K 61 4.73 -2.51 -29.10
CA PHE K 61 4.69 -1.70 -27.89
C PHE K 61 5.47 -0.41 -28.08
N LEU K 62 6.76 -0.52 -28.41
CA LEU K 62 7.60 0.66 -28.54
C LEU K 62 6.99 1.66 -29.51
N GLU K 63 6.62 1.22 -30.70
CA GLU K 63 6.10 2.15 -31.69
C GLU K 63 4.94 2.98 -31.18
N ASN K 64 4.31 2.58 -30.07
CA ASN K 64 3.21 3.33 -29.49
C ASN K 64 3.66 4.28 -28.39
N VAL K 65 4.62 3.86 -27.57
CA VAL K 65 5.12 4.74 -26.52
C VAL K 65 6.03 5.80 -27.11
N ILE K 66 6.59 5.56 -28.30
CA ILE K 66 7.46 6.56 -28.92
C ILE K 66 6.64 7.54 -29.73
N ARG K 67 5.67 7.06 -30.51
CA ARG K 67 4.88 7.97 -31.32
C ARG K 67 4.26 9.07 -30.49
N ASP K 68 3.98 8.79 -29.22
CA ASP K 68 3.46 9.78 -28.30
C ASP K 68 4.57 10.54 -27.59
N ALA K 69 5.64 9.85 -27.20
CA ALA K 69 6.79 10.54 -26.61
C ALA K 69 7.39 11.55 -27.56
N VAL K 70 7.19 11.37 -28.86
CA VAL K 70 7.64 12.34 -29.85
C VAL K 70 6.55 13.36 -30.16
N THR K 71 5.29 13.06 -29.86
CA THR K 71 4.25 14.08 -30.01
C THR K 71 4.39 15.12 -28.91
N TYR K 72 4.72 14.69 -27.70
CA TYR K 72 5.01 15.65 -26.63
C TYR K 72 6.21 16.51 -26.98
N THR K 73 7.29 15.88 -27.46
CA THR K 73 8.53 16.61 -27.73
C THR K 73 8.34 17.66 -28.81
N GLU K 74 7.66 17.33 -29.90
CA GLU K 74 7.40 18.32 -30.93
C GLU K 74 6.48 19.44 -30.45
N HIS K 75 5.78 19.25 -29.34
CA HIS K 75 4.94 20.30 -28.79
C HIS K 75 5.74 21.29 -27.97
N ALA K 76 6.73 20.82 -27.22
CA ALA K 76 7.62 21.71 -26.50
C ALA K 76 8.56 22.45 -27.43
N LYS K 77 8.58 22.11 -28.73
CA LYS K 77 9.51 22.68 -29.69
C LYS K 77 10.95 22.32 -29.30
N ARG K 78 11.20 21.03 -29.25
CA ARG K 78 12.48 20.49 -28.81
C ARG K 78 13.06 19.58 -29.88
N LYS K 79 14.37 19.34 -29.78
CA LYS K 79 15.04 18.31 -30.55
C LYS K 79 15.34 17.06 -29.74
N THR K 80 15.19 17.12 -28.43
CA THR K 80 15.55 16.04 -27.53
C THR K 80 14.29 15.39 -26.98
N VAL K 81 14.35 14.09 -26.73
CA VAL K 81 13.26 13.34 -26.14
C VAL K 81 13.61 13.14 -24.67
N THR K 82 13.02 13.95 -23.81
CA THR K 82 13.32 13.91 -22.39
C THR K 82 12.67 12.68 -21.76
N ALA K 83 13.06 12.37 -20.52
CA ALA K 83 12.40 11.28 -19.81
C ALA K 83 10.95 11.60 -19.49
N MET K 84 10.60 12.89 -19.39
CA MET K 84 9.23 13.25 -19.08
C MET K 84 8.30 13.00 -20.25
N ASP K 85 8.77 13.18 -21.48
CA ASP K 85 7.96 12.78 -22.61
C ASP K 85 7.64 11.30 -22.54
N VAL K 86 8.63 10.48 -22.20
CA VAL K 86 8.42 9.04 -22.11
C VAL K 86 7.41 8.72 -21.02
N VAL K 87 7.57 9.31 -19.83
CA VAL K 87 6.65 8.96 -18.74
C VAL K 87 5.24 9.46 -18.99
N TYR K 88 5.07 10.65 -19.59
CA TYR K 88 3.73 11.10 -19.95
C TYR K 88 3.10 10.19 -20.99
N ALA K 89 3.85 9.84 -22.03
CA ALA K 89 3.33 8.97 -23.06
C ALA K 89 2.99 7.60 -22.50
N LEU K 90 3.71 7.17 -21.46
CA LEU K 90 3.37 5.92 -20.81
C LEU K 90 2.09 6.05 -20.01
N LYS K 91 1.91 7.17 -19.29
CA LYS K 91 0.63 7.41 -18.61
C LYS K 91 -0.52 7.27 -19.59
N ARG K 92 -0.40 7.88 -20.76
CA ARG K 92 -1.50 7.85 -21.71
C ARG K 92 -1.90 6.45 -22.13
N GLN K 93 -0.99 5.47 -22.02
CA GLN K 93 -1.32 4.08 -22.32
C GLN K 93 -1.89 3.34 -21.12
N GLY K 94 -1.94 3.98 -19.97
CA GLY K 94 -2.43 3.34 -18.76
C GLY K 94 -1.35 2.73 -17.89
N ARG K 95 -0.09 2.84 -18.30
CA ARG K 95 1.03 2.30 -17.54
C ARG K 95 1.80 3.46 -16.91
N THR K 96 1.87 3.46 -15.59
CA THR K 96 2.52 4.54 -14.84
C THR K 96 3.89 4.08 -14.40
N LEU K 97 4.91 4.86 -14.70
CA LEU K 97 6.29 4.53 -14.39
C LEU K 97 6.78 5.43 -13.28
N TYR K 98 7.28 4.84 -12.21
CA TYR K 98 7.83 5.58 -11.08
C TYR K 98 9.35 5.57 -11.16
N GLY K 99 9.95 6.65 -10.69
CA GLY K 99 11.39 6.73 -10.54
C GLY K 99 12.12 7.47 -11.62
N PHE K 100 11.41 8.07 -12.58
CA PHE K 100 12.02 8.83 -13.66
C PHE K 100 11.47 10.24 -13.73
N GLY K 101 11.06 10.78 -12.60
CA GLY K 101 10.46 12.09 -12.55
C GLY K 101 8.96 12.01 -12.36
N GLY K 102 8.30 13.14 -12.62
CA GLY K 102 6.88 13.25 -12.41
C GLY K 102 6.53 13.41 -10.94
ZN ZN L . 35.66 -7.96 31.67
#